data_3N4N
# 
_entry.id   3N4N 
# 
_audit_conform.dict_name       mmcif_pdbx.dic 
_audit_conform.dict_version    5.380 
_audit_conform.dict_location   http://mmcif.pdb.org/dictionaries/ascii/mmcif_pdbx.dic 
# 
loop_
_database_2.database_id 
_database_2.database_code 
_database_2.pdbx_database_accession 
_database_2.pdbx_DOI 
PDB   3N4N         pdb_00003n4n 10.2210/pdb3n4n/pdb 
NDB   NA0580       ?            ?                   
RCSB  RCSB059374   ?            ?                   
WWPDB D_1000059374 ?            ?                   
# 
_pdbx_database_related.db_name        PDB 
_pdbx_database_related.db_id          3GJL 
_pdbx_database_related.details        . 
_pdbx_database_related.content_type   unspecified 
# 
_pdbx_database_status.status_code                     REL 
_pdbx_database_status.entry_id                        3N4N 
_pdbx_database_status.recvd_initial_deposition_date   2010-05-22 
_pdbx_database_status.deposit_site                    RCSB 
_pdbx_database_status.process_site                    PDBJ 
_pdbx_database_status.status_code_sf                  REL 
_pdbx_database_status.status_code_mr                  ? 
_pdbx_database_status.SG_entry                        ? 
_pdbx_database_status.pdb_format_compatible           Y 
_pdbx_database_status.status_code_cs                  ? 
_pdbx_database_status.status_code_nmr_data            ? 
_pdbx_database_status.methods_development_category    ? 
# 
loop_
_audit_author.name 
_audit_author.pdbx_ordinal 
'Takenaka, A.' 1 
'Juan, E.C.M.' 2 
'Shimizu, S.'  3 
# 
_citation.id                        primary 
_citation.title                     
;Insights into the DNA stabilizing contributions of a bicyclic cytosine analogue: crystal structures of DNA duplexes containing 7,8-dihydropyrido [2,3-d]pyrimidin-2-one.
;
_citation.journal_abbrev            'Nucleic Acids Res.' 
_citation.journal_volume            ? 
_citation.page_first                ? 
_citation.page_last                 ? 
_citation.year                      2010 
_citation.journal_id_ASTM           NARHAD 
_citation.country                   UK 
_citation.journal_id_ISSN           1362-4962 
_citation.journal_id_CSD            0389 
_citation.book_publisher            ? 
_citation.pdbx_database_id_PubMed   20554855 
_citation.pdbx_database_id_DOI      10.1093/nar/gkq519 
# 
loop_
_citation_author.citation_id 
_citation_author.name 
_citation_author.ordinal 
_citation_author.identifier_ORCID 
primary 'Juan, E.C.M.'     1  ? 
primary 'Shimizu, S.'      2  ? 
primary 'Ma, X.'           3  ? 
primary 'Kurose, T.'       4  ? 
primary 'Haraguchi, T.'    5  ? 
primary 'Zhang, F.'        6  ? 
primary 'Tsunoda, M.'      7  ? 
primary 'Ohkubo, A.'       8  ? 
primary 'Sekine, M.'       9  ? 
primary 'Shibata, T.'      10 ? 
primary 'Millington, C.L.' 11 ? 
primary 'Williams, D.M.'   12 ? 
primary 'Takenaka, A.'     13 ? 
# 
_cell.entry_id           3N4N 
_cell.length_a           26.500 
_cell.length_b           26.500 
_cell.length_c           99.000 
_cell.angle_alpha        90.00 
_cell.angle_beta         90.00 
_cell.angle_gamma        120.00 
_cell.Z_PDB              6 
_cell.pdbx_unique_axis   ? 
_cell.length_a_esd       ? 
_cell.length_b_esd       ? 
_cell.length_c_esd       ? 
_cell.angle_alpha_esd    ? 
_cell.angle_beta_esd     ? 
_cell.angle_gamma_esd    ? 
# 
_symmetry.entry_id                         3N4N 
_symmetry.space_group_name_H-M             'P 32 1 2' 
_symmetry.pdbx_full_space_group_name_H-M   ? 
_symmetry.cell_setting                     ? 
_symmetry.Int_Tables_number                153 
_symmetry.space_group_name_Hall            ? 
# 
loop_
_entity.id 
_entity.type 
_entity.src_method 
_entity.pdbx_description 
_entity.formula_weight 
_entity.pdbx_number_of_molecules 
_entity.pdbx_ec 
_entity.pdbx_mutation 
_entity.pdbx_fragment 
_entity.details 
1 polymer syn "5'-D(*CP*GP*CP*GP*AP*A)-3'"      1818.231 1  ? ? ? ? 
2 polymer syn "5'-D(P*TP*TP*(B7C)P*GP*CP*G)-3'" 1838.251 1  ? ? ? ? 
3 water   nat water                             18.015   49 ? ? ? ? 
# 
loop_
_entity_poly.entity_id 
_entity_poly.type 
_entity_poly.nstd_linkage 
_entity_poly.nstd_monomer 
_entity_poly.pdbx_seq_one_letter_code 
_entity_poly.pdbx_seq_one_letter_code_can 
_entity_poly.pdbx_strand_id 
_entity_poly.pdbx_target_identifier 
1 polydeoxyribonucleotide no no  '(DC)(DG)(DC)(DG)(DA)(DA)'  CGCGAA D ? 
2 polydeoxyribonucleotide no yes '(DT)(DT)(B7C)(DG)(DC)(DG)' TTXGCG E ? 
# 
loop_
_entity_poly_seq.entity_id 
_entity_poly_seq.num 
_entity_poly_seq.mon_id 
_entity_poly_seq.hetero 
1 1 DC  n 
1 2 DG  n 
1 3 DC  n 
1 4 DG  n 
1 5 DA  n 
1 6 DA  n 
2 1 DT  n 
2 2 DT  n 
2 3 B7C n 
2 4 DG  n 
2 5 DC  n 
2 6 DG  n 
# 
loop_
_struct_ref.id 
_struct_ref.db_name 
_struct_ref.db_code 
_struct_ref.pdbx_db_accession 
_struct_ref.entity_id 
_struct_ref.pdbx_align_begin 
_struct_ref.pdbx_seq_one_letter_code 
_struct_ref.pdbx_db_isoform 
1 PDB 3N4N 3N4N 1 ? ? ? 
2 PDB 3N4N 3N4N 2 ? ? ? 
# 
loop_
_struct_ref_seq.align_id 
_struct_ref_seq.ref_id 
_struct_ref_seq.pdbx_PDB_id_code 
_struct_ref_seq.pdbx_strand_id 
_struct_ref_seq.seq_align_beg 
_struct_ref_seq.pdbx_seq_align_beg_ins_code 
_struct_ref_seq.seq_align_end 
_struct_ref_seq.pdbx_seq_align_end_ins_code 
_struct_ref_seq.pdbx_db_accession 
_struct_ref_seq.db_align_beg 
_struct_ref_seq.pdbx_db_align_beg_ins_code 
_struct_ref_seq.db_align_end 
_struct_ref_seq.pdbx_db_align_end_ins_code 
_struct_ref_seq.pdbx_auth_seq_align_beg 
_struct_ref_seq.pdbx_auth_seq_align_end 
1 1 3N4N D 1 ? 6 ? 3N4N 1 ? 6  ? 1 6  
2 2 3N4N E 1 ? 6 ? 3N4N 7 ? 12 ? 7 12 
# 
loop_
_chem_comp.id 
_chem_comp.type 
_chem_comp.mon_nstd_flag 
_chem_comp.name 
_chem_comp.pdbx_synonyms 
_chem_comp.formula 
_chem_comp.formula_weight 
B7C 'DNA linking' n '3-(2-deoxy-5-O-phosphono-beta-D-erythro-pentofuranosyl)-7,8-dihydropyrido[2,3-d]pyrimidin-2(3H)-one' ? 
'C12 H16 N3 O7 P' 345.245 
DA  'DNA linking' y "2'-DEOXYADENOSINE-5'-MONOPHOSPHATE"                                                                  ? 
'C10 H14 N5 O6 P' 331.222 
DC  'DNA linking' y "2'-DEOXYCYTIDINE-5'-MONOPHOSPHATE"                                                                   ? 
'C9 H14 N3 O7 P'  307.197 
DG  'DNA linking' y "2'-DEOXYGUANOSINE-5'-MONOPHOSPHATE"                                                                  ? 
'C10 H14 N5 O7 P' 347.221 
DT  'DNA linking' y "THYMIDINE-5'-MONOPHOSPHATE"                                                                          ? 
'C10 H15 N2 O8 P' 322.208 
HOH non-polymer   . WATER                                                                                                 ? 'H2 O' 
18.015  
# 
_exptl.entry_id          3N4N 
_exptl.method            'X-RAY DIFFRACTION' 
_exptl.crystals_number   1 
# 
_exptl_crystal.id                    1 
_exptl_crystal.density_meas          ? 
_exptl_crystal.density_Matthews      2.74 
_exptl_crystal.density_percent_sol   55.18 
_exptl_crystal.description           ? 
_exptl_crystal.F_000                 ? 
_exptl_crystal.preparation           ? 
# 
_exptl_crystal_grow.crystal_id      1 
_exptl_crystal_grow.method          'VAPOR DIFFUSION, HANGING DROP' 
_exptl_crystal_grow.temp            277 
_exptl_crystal_grow.temp_details    ? 
_exptl_crystal_grow.pH              6 
_exptl_crystal_grow.pdbx_details    
;0.60mM ssDNA, 20mM Sodium cacodylate (pH6.0), 6mM Spermine tetrahydrochloride, 40mM Potassium chloride, 6mM Sodium chloride, 0.2% CHAPS, 0.30mM Hoechst33258, 5% MPD, VAPOR DIFFUSION, HANGING DROP, temperature 277K
;
_exptl_crystal_grow.pdbx_pH_range   . 
# 
_diffrn.id                     1 
_diffrn.ambient_temp           100 
_diffrn.ambient_temp_details   ? 
_diffrn.crystal_id             1 
# 
_diffrn_detector.diffrn_id              1 
_diffrn_detector.detector               CCD 
_diffrn_detector.type                   'ADSC QUANTUM 4' 
_diffrn_detector.pdbx_collection_date   2008-01-26 
_diffrn_detector.details                mirrors 
# 
_diffrn_radiation.diffrn_id                        1 
_diffrn_radiation.wavelength_id                    1 
_diffrn_radiation.pdbx_monochromatic_or_laue_m_l   M 
_diffrn_radiation.monochromator                    ? 
_diffrn_radiation.pdbx_diffrn_protocol             'SINGLE WAVELENGTH' 
_diffrn_radiation.pdbx_scattering_type             x-ray 
# 
_diffrn_radiation_wavelength.id           1 
_diffrn_radiation_wavelength.wavelength   0.978 
_diffrn_radiation_wavelength.wt           1.0 
# 
_diffrn_source.diffrn_id                   1 
_diffrn_source.source                      SYNCHROTRON 
_diffrn_source.type                        'PHOTON FACTORY BEAMLINE BL-6A' 
_diffrn_source.pdbx_synchrotron_site       'Photon Factory' 
_diffrn_source.pdbx_synchrotron_beamline   BL-6A 
_diffrn_source.pdbx_wavelength             ? 
_diffrn_source.pdbx_wavelength_list        0.978 
# 
_reflns.entry_id                     3N4N 
_reflns.observed_criterion_sigma_I   0 
_reflns.observed_criterion_sigma_F   0 
_reflns.d_resolution_low             50 
_reflns.d_resolution_high            1.92 
_reflns.number_obs                   ? 
_reflns.number_all                   ? 
_reflns.percent_possible_obs         99.8 
_reflns.pdbx_Rmerge_I_obs            0.035 
_reflns.pdbx_Rsym_value              ? 
_reflns.pdbx_netI_over_sigmaI        69.6 
_reflns.B_iso_Wilson_estimate        22.8 
_reflns.pdbx_redundancy              13.1 
_reflns.R_free_details               ? 
_reflns.limit_h_max                  ? 
_reflns.limit_h_min                  ? 
_reflns.limit_k_max                  ? 
_reflns.limit_k_min                  ? 
_reflns.limit_l_max                  ? 
_reflns.limit_l_min                  ? 
_reflns.observed_criterion_F_max     ? 
_reflns.observed_criterion_F_min     ? 
_reflns.pdbx_chi_squared             ? 
_reflns.pdbx_scaling_rejects         ? 
_reflns.pdbx_diffrn_id               1 
_reflns.pdbx_ordinal                 1 
# 
_reflns_shell.d_res_high             1.92 
_reflns_shell.d_res_low              3.00 
_reflns_shell.percent_possible_all   100 
_reflns_shell.Rmerge_I_obs           0.298 
_reflns_shell.pdbx_Rsym_value        ? 
_reflns_shell.meanI_over_sigI_obs    10.8 
_reflns_shell.pdbx_redundancy        13.5 
_reflns_shell.percent_possible_obs   ? 
_reflns_shell.number_unique_all      169 
_reflns_shell.number_measured_all    ? 
_reflns_shell.number_measured_obs    ? 
_reflns_shell.number_unique_obs      ? 
_reflns_shell.pdbx_chi_squared       ? 
_reflns_shell.pdbx_diffrn_id         ? 
_reflns_shell.pdbx_ordinal           1 
# 
_refine.entry_id                                 3N4N 
_refine.ls_number_reflns_obs                     3193 
_refine.ls_number_reflns_all                     ? 
_refine.pdbx_ls_sigma_I                          0 
_refine.pdbx_ls_sigma_F                          0.0 
_refine.pdbx_data_cutoff_high_absF               539315.03 
_refine.pdbx_data_cutoff_low_absF                0.000000 
_refine.pdbx_data_cutoff_high_rms_absF           ? 
_refine.ls_d_res_low                             11.68 
_refine.ls_d_res_high                            1.92 
_refine.ls_percent_reflns_obs                    99.4 
_refine.ls_R_factor_obs                          ? 
_refine.ls_R_factor_all                          ? 
_refine.ls_R_factor_R_work                       0.258 
_refine.ls_R_factor_R_free                       0.263 
_refine.ls_R_factor_R_free_error                 0.017 
_refine.ls_R_factor_R_free_error_details         ? 
_refine.ls_percent_reflns_R_free                 7.8 
_refine.ls_number_reflns_R_free                  250 
_refine.ls_number_parameters                     ? 
_refine.ls_number_restraints                     ? 
_refine.occupancy_min                            ? 
_refine.occupancy_max                            ? 
_refine.correlation_coeff_Fo_to_Fc               ? 
_refine.correlation_coeff_Fo_to_Fc_free          ? 
_refine.B_iso_mean                               29.0 
_refine.aniso_B[1][1]                            0.00 
_refine.aniso_B[2][2]                            0.00 
_refine.aniso_B[3][3]                            0.00 
_refine.aniso_B[1][2]                            0.00 
_refine.aniso_B[1][3]                            0.00 
_refine.aniso_B[2][3]                            0.00 
_refine.solvent_model_details                    'FLAT MODEL' 
_refine.solvent_model_param_ksol                 0.45 
_refine.solvent_model_param_bsol                 70.5197 
_refine.pdbx_solvent_vdw_probe_radii             ? 
_refine.pdbx_solvent_ion_probe_radii             ? 
_refine.pdbx_solvent_shrinkage_radii             ? 
_refine.pdbx_ls_cross_valid_method               THROUGHOUT 
_refine.details                                  ? 
_refine.pdbx_starting_model                      1DNH 
_refine.pdbx_method_to_determine_struct          'MOLECULAR REPLACEMENT' 
_refine.pdbx_isotropic_thermal_model             Isotropic 
_refine.pdbx_stereochemistry_target_values       'Engh & Huber' 
_refine.pdbx_stereochem_target_val_spec_case     ? 
_refine.pdbx_R_Free_selection_details            RANDOM 
_refine.pdbx_overall_ESU_R_Free                  ? 
_refine.overall_SU_ML                            ? 
_refine.overall_SU_B                             ? 
_refine.overall_SU_R_Cruickshank_DPI             ? 
_refine.ls_redundancy_reflns_obs                 ? 
_refine.B_iso_min                                ? 
_refine.B_iso_max                                ? 
_refine.overall_SU_R_free                        ? 
_refine.ls_wR_factor_R_free                      ? 
_refine.ls_wR_factor_R_work                      ? 
_refine.overall_FOM_free_R_set                   ? 
_refine.overall_FOM_work_R_set                   ? 
_refine.pdbx_refine_id                           'X-RAY DIFFRACTION' 
_refine.pdbx_overall_phase_error                 ? 
_refine.pdbx_overall_ESU_R                       ? 
_refine.pdbx_diffrn_id                           1 
_refine.pdbx_TLS_residual_ADP_flag               ? 
_refine.pdbx_overall_SU_R_free_Cruickshank_DPI   ? 
_refine.pdbx_overall_SU_R_Blow_DPI               ? 
_refine.pdbx_overall_SU_R_free_Blow_DPI          ? 
# 
_refine_analyze.entry_id                        3N4N 
_refine_analyze.Luzzati_coordinate_error_obs    0.31 
_refine_analyze.Luzzati_sigma_a_obs             0.25 
_refine_analyze.Luzzati_d_res_low_obs           5.00 
_refine_analyze.Luzzati_coordinate_error_free   0.38 
_refine_analyze.Luzzati_sigma_a_free            0.40 
_refine_analyze.Luzzati_d_res_low_free          ? 
_refine_analyze.number_disordered_residues      ? 
_refine_analyze.occupancy_sum_hydrogen          ? 
_refine_analyze.occupancy_sum_non_hydrogen      ? 
_refine_analyze.pdbx_Luzzati_d_res_high_obs     ? 
_refine_analyze.pdbx_refine_id                  'X-RAY DIFFRACTION' 
# 
_refine_hist.pdbx_refine_id                   'X-RAY DIFFRACTION' 
_refine_hist.cycle_id                         LAST 
_refine_hist.pdbx_number_atoms_protein        0 
_refine_hist.pdbx_number_atoms_nucleic_acid   246 
_refine_hist.pdbx_number_atoms_ligand         0 
_refine_hist.number_atoms_solvent             49 
_refine_hist.number_atoms_total               295 
_refine_hist.d_res_high                       1.92 
_refine_hist.d_res_low                        11.68 
# 
loop_
_refine_ls_restr.type 
_refine_ls_restr.dev_ideal 
_refine_ls_restr.dev_ideal_target 
_refine_ls_restr.weight 
_refine_ls_restr.number 
_refine_ls_restr.pdbx_refine_id 
_refine_ls_restr.pdbx_restraint_function 
c_bond_d           0.010 ? ? ? 'X-RAY DIFFRACTION' ? 
c_angle_deg        2.0   ? ? ? 'X-RAY DIFFRACTION' ? 
c_dihedral_angle_d 28.9  ? ? ? 'X-RAY DIFFRACTION' ? 
c_improper_angle_d 1.47  ? ? ? 'X-RAY DIFFRACTION' ? 
# 
_refine_ls_shell.pdbx_total_number_of_bins_used   6 
_refine_ls_shell.d_res_high                       1.90 
_refine_ls_shell.d_res_low                        2.02 
_refine_ls_shell.number_reflns_R_work             408 
_refine_ls_shell.R_factor_R_work                  0.310 
_refine_ls_shell.percent_reflns_obs               80.4 
_refine_ls_shell.R_factor_R_free                  0.439 
_refine_ls_shell.R_factor_R_free_error            0.101 
_refine_ls_shell.percent_reflns_R_free            4.4 
_refine_ls_shell.number_reflns_R_free             19 
_refine_ls_shell.number_reflns_all                ? 
_refine_ls_shell.R_factor_all                     ? 
_refine_ls_shell.number_reflns_obs                246 
_refine_ls_shell.redundancy_reflns_obs            ? 
_refine_ls_shell.pdbx_refine_id                   'X-RAY DIFFRACTION' 
# 
loop_
_pdbx_xplor_file.pdbx_refine_id 
_pdbx_xplor_file.serial_no 
_pdbx_xplor_file.param_file 
_pdbx_xplor_file.topol_file 
'X-RAY DIFFRACTION' 1 protein_rep.param    protein.top    
'X-RAY DIFFRACTION' 2 dna-rna_repBIC.param dna-rnaBIC.top 
'X-RAY DIFFRACTION' 3 water_rep.param      water.top      
'X-RAY DIFFRACTION' 4 dna-rna_repBIC.param dna-rnaBIC.top 
'X-RAY DIFFRACTION' 5 ion.param            ion.top        
# 
_struct_ncs_dom.id            1 
_struct_ncs_dom.details       ? 
_struct_ncs_dom.pdbx_ens_id   1 
# 
_struct_ncs_ens.id        1 
_struct_ncs_ens.details   ? 
# 
_struct.entry_id                  3N4N 
_struct.title                     
;Insights into the stabilizing contributions of a bicyclic cytosine analogue: crystal structures of DNA duplexes containing 7,8-dihydropyrido[2,3-d]pyrimidin-2-one
;
_struct.pdbx_model_details        ? 
_struct.pdbx_CASP_flag            ? 
_struct.pdbx_model_type_details   ? 
# 
_struct_keywords.entry_id        3N4N 
_struct_keywords.pdbx_keywords   DNA 
_struct_keywords.text            'bicyclic cytosine, DNA' 
# 
loop_
_struct_asym.id 
_struct_asym.pdbx_blank_PDB_chainid_flag 
_struct_asym.pdbx_modified 
_struct_asym.entity_id 
_struct_asym.details 
A N N 1 ? 
B N N 2 ? 
C N N 3 ? 
D N N 3 ? 
# 
_struct_biol.id        1 
_struct_biol.details   ? 
# 
loop_
_struct_conn.id 
_struct_conn.conn_type_id 
_struct_conn.pdbx_leaving_atom_flag 
_struct_conn.pdbx_PDB_id 
_struct_conn.ptnr1_label_asym_id 
_struct_conn.ptnr1_label_comp_id 
_struct_conn.ptnr1_label_seq_id 
_struct_conn.ptnr1_label_atom_id 
_struct_conn.pdbx_ptnr1_label_alt_id 
_struct_conn.pdbx_ptnr1_PDB_ins_code 
_struct_conn.pdbx_ptnr1_standard_comp_id 
_struct_conn.ptnr1_symmetry 
_struct_conn.ptnr2_label_asym_id 
_struct_conn.ptnr2_label_comp_id 
_struct_conn.ptnr2_label_seq_id 
_struct_conn.ptnr2_label_atom_id 
_struct_conn.pdbx_ptnr2_label_alt_id 
_struct_conn.pdbx_ptnr2_PDB_ins_code 
_struct_conn.ptnr1_auth_asym_id 
_struct_conn.ptnr1_auth_comp_id 
_struct_conn.ptnr1_auth_seq_id 
_struct_conn.ptnr2_auth_asym_id 
_struct_conn.ptnr2_auth_comp_id 
_struct_conn.ptnr2_auth_seq_id 
_struct_conn.ptnr2_symmetry 
_struct_conn.pdbx_ptnr3_label_atom_id 
_struct_conn.pdbx_ptnr3_label_seq_id 
_struct_conn.pdbx_ptnr3_label_comp_id 
_struct_conn.pdbx_ptnr3_label_asym_id 
_struct_conn.pdbx_ptnr3_label_alt_id 
_struct_conn.pdbx_ptnr3_PDB_ins_code 
_struct_conn.details 
_struct_conn.pdbx_dist_value 
_struct_conn.pdbx_value_order 
_struct_conn.pdbx_role 
covale1  covale both ? B DT  2 "O3'" ? ? ? 1_555 B B7C 3 P  ? ? E DT  8 E B7C 9  1_555 ? ? ? ? ? ? ?            1.591 ? ? 
covale2  covale both ? B B7C 3 "O3'" ? ? ? 1_555 B DG  4 P  ? ? E B7C 9 E DG  10 1_555 ? ? ? ? ? ? ?            1.625 ? ? 
hydrog1  hydrog ?    ? A DG  2 N1    ? ? ? 1_555 B DC  5 N3 ? ? D DG  2 E DC  11 1_555 ? ? ? ? ? ? WATSON-CRICK ?     ? ? 
hydrog2  hydrog ?    ? A DG  2 N2    ? ? ? 1_555 B DC  5 O2 ? ? D DG  2 E DC  11 1_555 ? ? ? ? ? ? WATSON-CRICK ?     ? ? 
hydrog3  hydrog ?    ? A DG  2 O6    ? ? ? 1_555 B DC  5 N4 ? ? D DG  2 E DC  11 1_555 ? ? ? ? ? ? WATSON-CRICK ?     ? ? 
hydrog4  hydrog ?    ? A DC  3 N3    ? ? ? 1_555 B DG  4 N1 ? ? D DC  3 E DG  10 1_555 ? ? ? ? ? ? WATSON-CRICK ?     ? ? 
hydrog5  hydrog ?    ? A DC  3 N4    ? ? ? 1_555 B DG  4 O6 ? ? D DC  3 E DG  10 1_555 ? ? ? ? ? ? WATSON-CRICK ?     ? ? 
hydrog6  hydrog ?    ? A DC  3 O2    ? ? ? 1_555 B DG  4 N2 ? ? D DC  3 E DG  10 1_555 ? ? ? ? ? ? WATSON-CRICK ?     ? ? 
hydrog7  hydrog ?    ? A DA  5 N1    ? ? ? 1_555 B DT  2 N3 ? ? D DA  5 E DT  8  1_555 ? ? ? ? ? ? WATSON-CRICK ?     ? ? 
hydrog8  hydrog ?    ? A DA  5 N6    ? ? ? 1_555 B DT  2 O4 ? ? D DA  5 E DT  8  1_555 ? ? ? ? ? ? WATSON-CRICK ?     ? ? 
hydrog9  hydrog ?    ? A DA  6 N1    ? ? ? 1_555 B DT  1 N3 ? ? D DA  6 E DT  7  1_555 ? ? ? ? ? ? WATSON-CRICK ?     ? ? 
hydrog10 hydrog ?    ? A DA  6 N6    ? ? ? 1_555 B DT  1 O4 ? ? D DA  6 E DT  7  1_555 ? ? ? ? ? ? WATSON-CRICK ?     ? ? 
# 
loop_
_struct_conn_type.id 
_struct_conn_type.criteria 
_struct_conn_type.reference 
covale ? ? 
hydrog ? ? 
# 
_atom_sites.entry_id                    3N4N 
_atom_sites.fract_transf_matrix[1][1]   -0.00401336 
_atom_sites.fract_transf_matrix[1][2]   0.01726531 
_atom_sites.fract_transf_matrix[1][3]   0.03980554 
_atom_sites.fract_transf_matrix[2][1]   -0.02095095 
_atom_sites.fract_transf_matrix[2][2]   -0.02196259 
_atom_sites.fract_transf_matrix[2][3]   0.03126333 
_atom_sites.fract_transf_matrix[3][1]   0.00868624 
_atom_sites.fract_transf_matrix[3][2]   -0.00435228 
_atom_sites.fract_transf_matrix[3][3]   0.00276354 
_atom_sites.fract_transf_vector[1]      0.272941 
_atom_sites.fract_transf_vector[2]      0.614720 
_atom_sites.fract_transf_vector[3]      0.428107 
# 
loop_
_atom_type.symbol 
C 
N 
O 
P 
# 
loop_
_atom_site.group_PDB 
_atom_site.id 
_atom_site.type_symbol 
_atom_site.label_atom_id 
_atom_site.label_alt_id 
_atom_site.label_comp_id 
_atom_site.label_asym_id 
_atom_site.label_entity_id 
_atom_site.label_seq_id 
_atom_site.pdbx_PDB_ins_code 
_atom_site.Cartn_x 
_atom_site.Cartn_y 
_atom_site.Cartn_z 
_atom_site.occupancy 
_atom_site.B_iso_or_equiv 
_atom_site.pdbx_formal_charge 
_atom_site.auth_seq_id 
_atom_site.auth_comp_id 
_atom_site.auth_asym_id 
_atom_site.auth_atom_id 
_atom_site.pdbx_PDB_model_num 
ATOM   1   O "O5'" . DC  A 1 1 ? 8.053   8.533   2.976   1.00 43.79 ? 1  DC  D "O5'" 1 
ATOM   2   C "C5'" . DC  A 1 1 ? 9.431   8.667   3.322   1.00 40.48 ? 1  DC  D "C5'" 1 
ATOM   3   C "C4'" . DC  A 1 1 ? 9.831   7.861   4.539   1.00 38.85 ? 1  DC  D "C4'" 1 
ATOM   4   O "O4'" . DC  A 1 1 ? 10.086  8.753   5.645   1.00 37.97 ? 1  DC  D "O4'" 1 
ATOM   5   C "C3'" . DC  A 1 1 ? 8.826   6.829   5.062   1.00 37.02 ? 1  DC  D "C3'" 1 
ATOM   6   O "O3'" . DC  A 1 1 ? 9.582   5.769   5.670   1.00 35.25 ? 1  DC  D "O3'" 1 
ATOM   7   C "C2'" . DC  A 1 1 ? 8.101   7.598   6.154   1.00 36.66 ? 1  DC  D "C2'" 1 
ATOM   8   C "C1'" . DC  A 1 1 ? 9.251   8.414   6.743   1.00 35.79 ? 1  DC  D "C1'" 1 
ATOM   9   N N1    . DC  A 1 1 ? 8.898   9.675   7.415   1.00 34.13 ? 1  DC  D N1    1 
ATOM   10  C C2    . DC  A 1 1 ? 9.913   10.371  8.098   1.00 31.22 ? 1  DC  D C2    1 
ATOM   11  O O2    . DC  A 1 1 ? 11.060  9.897   8.124   1.00 25.42 ? 1  DC  D O2    1 
ATOM   12  N N3    . DC  A 1 1 ? 9.620   11.544  8.706   1.00 33.24 ? 1  DC  D N3    1 
ATOM   13  C C4    . DC  A 1 1 ? 8.381   12.025  8.654   1.00 33.49 ? 1  DC  D C4    1 
ATOM   14  N N4    . DC  A 1 1 ? 8.142   13.186  9.267   1.00 36.22 ? 1  DC  D N4    1 
ATOM   15  C C5    . DC  A 1 1 ? 7.327   11.341  7.973   1.00 35.04 ? 1  DC  D C5    1 
ATOM   16  C C6    . DC  A 1 1 ? 7.627   10.176  7.376   1.00 34.20 ? 1  DC  D C6    1 
ATOM   17  P P     . DG  A 1 2 ? 9.102   4.245   5.532   1.00 32.78 ? 2  DG  D P     1 
ATOM   18  O OP1   . DG  A 1 2 ? 7.734   4.068   6.068   1.00 32.22 ? 2  DG  D OP1   1 
ATOM   19  O OP2   . DG  A 1 2 ? 10.220  3.431   6.067   1.00 33.08 ? 2  DG  D OP2   1 
ATOM   20  O "O5'" . DG  A 1 2 ? 9.045   4.013   3.967   1.00 30.27 ? 2  DG  D "O5'" 1 
ATOM   21  C "C5'" . DG  A 1 2 ? 10.231  3.788   3.229   1.00 27.34 ? 2  DG  D "C5'" 1 
ATOM   22  C "C4'" . DG  A 1 2 ? 9.906   3.723   1.761   1.00 26.68 ? 2  DG  D "C4'" 1 
ATOM   23  O "O4'" . DG  A 1 2 ? 9.119   2.544   1.477   1.00 23.88 ? 2  DG  D "O4'" 1 
ATOM   24  C "C3'" . DG  A 1 2 ? 9.104   4.905   1.232   1.00 24.85 ? 2  DG  D "C3'" 1 
ATOM   25  O "O3'" . DG  A 1 2 ? 9.568   5.102   -0.096  1.00 24.95 ? 2  DG  D "O3'" 1 
ATOM   26  C "C2'" . DG  A 1 2 ? 7.670   4.397   1.286   1.00 25.12 ? 2  DG  D "C2'" 1 
ATOM   27  C "C1'" . DG  A 1 2 ? 7.824   2.903   1.023   1.00 23.25 ? 2  DG  D "C1'" 1 
ATOM   28  N N9    . DG  A 1 2 ? 6.903   2.049   1.768   1.00 22.64 ? 2  DG  D N9    1 
ATOM   29  C C8    . DG  A 1 2 ? 6.511   2.212   3.069   1.00 22.55 ? 2  DG  D C8    1 
ATOM   30  N N7    . DG  A 1 2 ? 5.763   1.235   3.500   1.00 20.36 ? 2  DG  D N7    1 
ATOM   31  C C5    . DG  A 1 2 ? 5.645   0.390   2.413   1.00 20.47 ? 2  DG  D C5    1 
ATOM   32  C C6    . DG  A 1 2 ? 4.969   -0.842  2.293   1.00 20.53 ? 2  DG  D C6    1 
ATOM   33  O O6    . DG  A 1 2 ? 4.323   -1.439  3.157   1.00 19.70 ? 2  DG  D O6    1 
ATOM   34  N N1    . DG  A 1 2 ? 5.097   -1.379  1.020   1.00 18.74 ? 2  DG  D N1    1 
ATOM   35  C C2    . DG  A 1 2 ? 5.788   -0.798  -0.017  1.00 19.14 ? 2  DG  D C2    1 
ATOM   36  N N2    . DG  A 1 2 ? 5.785   -1.461  -1.183  1.00 11.91 ? 2  DG  D N2    1 
ATOM   37  N N3    . DG  A 1 2 ? 6.435   0.356   0.085   1.00 20.31 ? 2  DG  D N3    1 
ATOM   38  C C4    . DG  A 1 2 ? 6.322   0.889   1.320   1.00 22.05 ? 2  DG  D C4    1 
ATOM   39  P P     . DC  A 1 3 ? 9.038   6.330   -0.969  1.00 27.00 ? 3  DC  D P     1 
ATOM   40  O OP1   . DC  A 1 3 ? 10.181  6.692   -1.836  1.00 26.01 ? 3  DC  D OP1   1 
ATOM   41  O OP2   . DC  A 1 3 ? 8.362   7.354   -0.152  1.00 23.33 ? 3  DC  D OP2   1 
ATOM   42  O "O5'" . DC  A 1 3 ? 7.932   5.667   -1.890  1.00 25.42 ? 3  DC  D "O5'" 1 
ATOM   43  C "C5'" . DC  A 1 3 ? 8.276   4.575   -2.706  1.00 26.34 ? 3  DC  D "C5'" 1 
ATOM   44  C "C4'" . DC  A 1 3 ? 7.039   3.854   -3.170  1.00 23.06 ? 3  DC  D "C4'" 1 
ATOM   45  O "O4'" . DC  A 1 3 ? 6.394   3.224   -2.059  1.00 21.69 ? 3  DC  D "O4'" 1 
ATOM   46  C "C3'" . DC  A 1 3 ? 5.968   4.721   -3.824  1.00 24.72 ? 3  DC  D "C3'" 1 
ATOM   47  O "O3'" . DC  A 1 3 ? 6.091   4.522   -5.219  1.00 26.57 ? 3  DC  D "O3'" 1 
ATOM   48  C "C2'" . DC  A 1 3 ? 4.648   4.163   -3.287  1.00 23.64 ? 3  DC  D "C2'" 1 
ATOM   49  C "C1'" . DC  A 1 3 ? 5.056   2.968   -2.425  1.00 22.01 ? 3  DC  D "C1'" 1 
ATOM   50  N N1    . DC  A 1 3 ? 4.302   2.829   -1.172  1.00 21.32 ? 3  DC  D N1    1 
ATOM   51  C C2    . DC  A 1 3 ? 3.562   1.659   -0.924  1.00 20.70 ? 3  DC  D C2    1 
ATOM   52  O O2    . DC  A 1 3 ? 3.514   0.776   -1.792  1.00 21.91 ? 3  DC  D O2    1 
ATOM   53  N N3    . DC  A 1 3 ? 2.918   1.527   0.263   1.00 21.04 ? 3  DC  D N3    1 
ATOM   54  C C4    . DC  A 1 3 ? 2.989   2.502   1.173   1.00 21.95 ? 3  DC  D C4    1 
ATOM   55  N N4    . DC  A 1 3 ? 2.358   2.325   2.332   1.00 20.43 ? 3  DC  D N4    1 
ATOM   56  C C5    . DC  A 1 3 ? 3.715   3.704   0.934   1.00 19.72 ? 3  DC  D C5    1 
ATOM   57  C C6    . DC  A 1 3 ? 4.345   3.826   -0.240  1.00 22.27 ? 3  DC  D C6    1 
ATOM   58  P P     . DG  A 1 4 ? 5.295   5.456   -6.236  1.00 29.71 ? 4  DG  D P     1 
ATOM   59  O OP1   . DG  A 1 4 ? 6.212   5.638   -7.380  1.00 29.26 ? 4  DG  D OP1   1 
ATOM   60  O OP2   . DG  A 1 4 ? 4.639   6.627   -5.599  1.00 28.62 ? 4  DG  D OP2   1 
ATOM   61  O "O5'" . DG  A 1 4 ? 4.153   4.479   -6.701  1.00 25.45 ? 4  DG  D "O5'" 1 
ATOM   62  C "C5'" . DG  A 1 4 ? 4.504   3.257   -7.287  1.00 27.42 ? 4  DG  D "C5'" 1 
ATOM   63  C "C4'" . DG  A 1 4 ? 3.328   2.333   -7.216  1.00 27.55 ? 4  DG  D "C4'" 1 
ATOM   64  O "O4'" . DG  A 1 4 ? 2.931   2.114   -5.844  1.00 27.66 ? 4  DG  D "O4'" 1 
ATOM   65  C "C3'" . DG  A 1 4 ? 2.097   2.903   -7.920  1.00 29.29 ? 4  DG  D "C3'" 1 
ATOM   66  O "O3'" . DG  A 1 4 ? 1.482   1.752   -8.575  1.00 31.01 ? 4  DG  D "O3'" 1 
ATOM   67  C "C2'" . DG  A 1 4 ? 1.211   3.361   -6.784  1.00 27.94 ? 4  DG  D "C2'" 1 
ATOM   68  C "C1'" . DG  A 1 4 ? 1.536   2.328   -5.740  1.00 28.79 ? 4  DG  D "C1'" 1 
ATOM   69  N N9    . DG  A 1 4 ? 1.223   2.717   -4.375  1.00 27.63 ? 4  DG  D N9    1 
ATOM   70  C C8    . DG  A 1 4 ? 1.377   3.947   -3.778  1.00 29.50 ? 4  DG  D C8    1 
ATOM   71  N N7    . DG  A 1 4 ? 0.966   3.966   -2.542  1.00 27.42 ? 4  DG  D N7    1 
ATOM   72  C C5    . DG  A 1 4 ? 0.523   2.670   -2.313  1.00 27.48 ? 4  DG  D C5    1 
ATOM   73  C C6    . DG  A 1 4 ? -0.037  2.086   -1.157  1.00 27.22 ? 4  DG  D C6    1 
ATOM   74  O O6    . DG  A 1 4 ? -0.261  2.619   -0.060  1.00 28.09 ? 4  DG  D O6    1 
ATOM   75  N N1    . DG  A 1 4 ? -0.347  0.743   -1.360  1.00 25.70 ? 4  DG  D N1    1 
ATOM   76  C C2    . DG  A 1 4 ? -0.147  0.053   -2.529  1.00 25.66 ? 4  DG  D C2    1 
ATOM   77  N N2    . DG  A 1 4 ? -0.521  -1.233  -2.525  1.00 23.64 ? 4  DG  D N2    1 
ATOM   78  N N3    . DG  A 1 4 ? 0.376   0.590   -3.618  1.00 27.29 ? 4  DG  D N3    1 
ATOM   79  C C4    . DG  A 1 4 ? 0.683   1.894   -3.436  1.00 27.24 ? 4  DG  D C4    1 
ATOM   80  P P     . DA  A 1 5 ? 0.039   1.788   -9.372  1.00 33.34 ? 5  DA  D P     1 
ATOM   81  O OP1   . DA  A 1 5 ? 0.430   1.308   -10.742 1.00 33.52 ? 5  DA  D OP1   1 
ATOM   82  O OP2   . DA  A 1 5 ? -0.678  3.116   -9.282  1.00 32.78 ? 5  DA  D OP2   1 
ATOM   83  O "O5'" . DA  A 1 5 ? -0.864  0.719   -8.579  1.00 32.16 ? 5  DA  D "O5'" 1 
ATOM   84  C "C5'" . DA  A 1 5 ? -0.284  -0.518  -8.205  1.00 30.81 ? 5  DA  D "C5'" 1 
ATOM   85  C "C4'" . DA  A 1 5 ? -1.359  -1.377  -7.595  1.00 30.24 ? 5  DA  D "C4'" 1 
ATOM   86  O "O4'" . DA  A 1 5 ? -1.588  -0.961  -6.235  1.00 28.76 ? 5  DA  D "O4'" 1 
ATOM   87  C "C3'" . DA  A 1 5 ? -2.711  -1.266  -8.299  1.00 30.43 ? 5  DA  D "C3'" 1 
ATOM   88  O "O3'" . DA  A 1 5 ? -3.323  -2.553  -8.240  1.00 30.27 ? 5  DA  D "O3'" 1 
ATOM   89  C "C2'" . DA  A 1 5 ? -3.467  -0.235  -7.472  1.00 29.53 ? 5  DA  D "C2'" 1 
ATOM   90  C "C1'" . DA  A 1 5 ? -2.892  -0.429  -6.076  1.00 28.41 ? 5  DA  D "C1'" 1 
ATOM   91  N N9    . DA  A 1 5 ? -2.752  0.807   -5.319  1.00 26.36 ? 5  DA  D N9    1 
ATOM   92  C C8    . DA  A 1 5 ? -2.233  2.003   -5.737  1.00 25.37 ? 5  DA  D C8    1 
ATOM   93  N N7    . DA  A 1 5 ? -2.234  2.929   -4.815  1.00 25.88 ? 5  DA  D N7    1 
ATOM   94  C C5    . DA  A 1 5 ? -2.794  2.297   -3.713  1.00 24.66 ? 5  DA  D C5    1 
ATOM   95  C C6    . DA  A 1 5 ? -3.080  2.735   -2.408  1.00 24.68 ? 5  DA  D C6    1 
ATOM   96  N N6    . DA  A 1 5 ? -2.817  3.965   -1.960  1.00 24.17 ? 5  DA  D N6    1 
ATOM   97  N N1    . DA  A 1 5 ? -3.648  1.850   -1.560  1.00 23.52 ? 5  DA  D N1    1 
ATOM   98  C C2    . DA  A 1 5 ? -3.901  0.610   -2.000  1.00 24.83 ? 5  DA  D C2    1 
ATOM   99  N N3    . DA  A 1 5 ? -3.678  0.083   -3.196  1.00 23.66 ? 5  DA  D N3    1 
ATOM   100 C C4    . DA  A 1 5 ? -3.119  0.988   -4.011  1.00 25.20 ? 5  DA  D C4    1 
ATOM   101 P P     . DA  A 1 6 ? -4.776  -2.798  -8.879  1.00 33.45 ? 6  DA  D P     1 
ATOM   102 O OP1   . DA  A 1 6 ? -4.777  -4.220  -9.316  1.00 30.03 ? 6  DA  D OP1   1 
ATOM   103 O OP2   . DA  A 1 6 ? -5.147  -1.729  -9.837  1.00 29.39 ? 6  DA  D OP2   1 
ATOM   104 O "O5'" . DA  A 1 6 ? -5.741  -2.656  -7.628  1.00 29.76 ? 6  DA  D "O5'" 1 
ATOM   105 C "C5'" . DA  A 1 6 ? -5.528  -3.425  -6.462  1.00 28.75 ? 6  DA  D "C5'" 1 
ATOM   106 C "C4'" . DA  A 1 6 ? -6.533  -3.031  -5.417  1.00 23.99 ? 6  DA  D "C4'" 1 
ATOM   107 O "O4'" . DA  A 1 6 ? -6.161  -1.797  -4.784  1.00 23.78 ? 6  DA  D "O4'" 1 
ATOM   108 C "C3'" . DA  A 1 6 ? -7.923  -2.814  -5.995  1.00 24.41 ? 6  DA  D "C3'" 1 
ATOM   109 O "O3'" . DA  A 1 6 ? -8.456  -3.813  -5.201  0.50 20.34 ? 6  DA  D "O3'" 1 
ATOM   110 C "C2'" . DA  A 1 6 ? -8.281  -1.376  -5.647  1.00 21.39 ? 6  DA  D "C2'" 1 
ATOM   111 C "C1'" . DA  A 1 6 ? -7.314  -1.027  -4.534  1.00 22.38 ? 6  DA  D "C1'" 1 
ATOM   112 N N9    . DA  A 1 6 ? -6.895  0.365   -4.565  1.00 21.57 ? 6  DA  D N9    1 
ATOM   113 C C8    . DA  A 1 6 ? -6.431  1.061   -5.650  1.00 24.19 ? 6  DA  D C8    1 
ATOM   114 N N7    . DA  A 1 6 ? -6.113  2.304   -5.385  1.00 22.26 ? 6  DA  D N7    1 
ATOM   115 C C5    . DA  A 1 6 ? -6.390  2.433   -4.032  1.00 23.36 ? 6  DA  D C5    1 
ATOM   116 C C6    . DA  A 1 6 ? -6.270  3.515   -3.134  1.00 21.29 ? 6  DA  D C6    1 
ATOM   117 N N6    . DA  A 1 6 ? -5.819  4.719   -3.474  1.00 20.98 ? 6  DA  D N6    1 
ATOM   118 N N1    . DA  A 1 6 ? -6.637  3.308   -1.854  1.00 21.94 ? 6  DA  D N1    1 
ATOM   119 C C2    . DA  A 1 6 ? -7.083  2.096   -1.503  1.00 23.76 ? 6  DA  D C2    1 
ATOM   120 N N3    . DA  A 1 6 ? -7.237  1.002   -2.250  1.00 23.39 ? 6  DA  D N3    1 
ATOM   121 C C4    . DA  A 1 6 ? -6.870  1.242   -3.517  1.00 21.86 ? 6  DA  D C4    1 
ATOM   122 P P     . DT  B 2 1 ? -8.495  10.220  5.896   1.00 35.66 ? 7  DT  E P     1 
ATOM   123 O OP1   . DT  B 2 1 ? -9.338  10.493  7.112   1.00 35.77 ? 7  DT  E OP1   1 
ATOM   124 O OP2   . DT  B 2 1 ? -7.052  10.628  5.787   1.00 35.66 ? 7  DT  E OP2   1 
ATOM   125 O "O5'" . DT  B 2 1 ? -8.595  8.663   5.478   1.00 34.12 ? 7  DT  E "O5'" 1 
ATOM   126 C "C5'" . DT  B 2 1 ? -9.849  8.022   5.364   1.00 32.42 ? 7  DT  E "C5'" 1 
ATOM   127 C "C4'" . DT  B 2 1 ? -9.618  6.596   4.960   1.00 31.09 ? 7  DT  E "C4'" 1 
ATOM   128 O "O4'" . DT  B 2 1 ? -9.103  6.556   3.611   1.00 29.12 ? 7  DT  E "O4'" 1 
ATOM   129 C "C3'" . DT  B 2 1 ? -8.597  5.870   5.839   1.00 31.46 ? 7  DT  E "C3'" 1 
ATOM   130 O "O3'" . DT  B 2 1 ? -9.310  4.773   6.383   1.00 32.29 ? 7  DT  E "O3'" 1 
ATOM   131 C "C2'" . DT  B 2 1 ? -7.475  5.483   4.877   1.00 29.89 ? 7  DT  E "C2'" 1 
ATOM   132 C "C1'" . DT  B 2 1 ? -8.164  5.512   3.516   1.00 28.77 ? 7  DT  E "C1'" 1 
ATOM   133 N N1    . DT  B 2 1 ? -7.322  5.788   2.329   1.00 26.45 ? 7  DT  E N1    1 
ATOM   134 C C2    . DT  B 2 1 ? -7.379  4.890   1.282   1.00 26.42 ? 7  DT  E C2    1 
ATOM   135 O O2    . DT  B 2 1 ? -8.046  3.869   1.314   1.00 27.18 ? 7  DT  E O2    1 
ATOM   136 N N3    . DT  B 2 1 ? -6.620  5.231   0.193   1.00 25.23 ? 7  DT  E N3    1 
ATOM   137 C C4    . DT  B 2 1 ? -5.818  6.347   0.049   1.00 26.42 ? 7  DT  E C4    1 
ATOM   138 O O4    . DT  B 2 1 ? -5.194  6.519   -0.996  1.00 25.42 ? 7  DT  E O4    1 
ATOM   139 C C5    . DT  B 2 1 ? -5.789  7.237   1.196   1.00 25.17 ? 7  DT  E C5    1 
ATOM   140 C C7    . DT  B 2 1 ? -4.945  8.470   1.144   1.00 25.65 ? 7  DT  E C7    1 
ATOM   141 C C6    . DT  B 2 1 ? -6.531  6.915   2.261   1.00 25.58 ? 7  DT  E C6    1 
ATOM   142 P P     . DT  B 2 2 ? -8.584  3.719   7.326   1.00 34.54 ? 8  DT  E P     1 
ATOM   143 O OP1   . DT  B 2 2 ? -9.652  3.101   8.153   1.00 35.35 ? 8  DT  E OP1   1 
ATOM   144 O OP2   . DT  B 2 2 ? -7.382  4.292   7.955   1.00 32.48 ? 8  DT  E OP2   1 
ATOM   145 O "O5'" . DT  B 2 2 ? -8.202  2.606   6.282   1.00 33.50 ? 8  DT  E "O5'" 1 
ATOM   146 C "C5'" . DT  B 2 2 ? -9.256  1.899   5.677   1.00 31.51 ? 8  DT  E "C5'" 1 
ATOM   147 C "C4'" . DT  B 2 2 ? -8.710  0.906   4.695   1.00 32.31 ? 8  DT  E "C4'" 1 
ATOM   148 O "O4'" . DT  B 2 2 ? -7.945  1.601   3.693   1.00 29.76 ? 8  DT  E "O4'" 1 
ATOM   149 C "C3'" . DT  B 2 2 ? -7.785  -0.132  5.321   1.00 31.44 ? 8  DT  E "C3'" 1 
ATOM   150 O "O3'" . DT  B 2 2 ? -8.336  -1.384  4.934   1.00 33.71 ? 8  DT  E "O3'" 1 
ATOM   151 C "C2'" . DT  B 2 2 ? -6.413  0.180   4.730   1.00 30.32 ? 8  DT  E "C2'" 1 
ATOM   152 C "C1'" . DT  B 2 2 ? -6.780  0.858   3.422   1.00 29.37 ? 8  DT  E "C1'" 1 
ATOM   153 N N1    . DT  B 2 2 ? -5.794  1.786   2.852   1.00 28.16 ? 8  DT  E N1    1 
ATOM   154 C C2    . DT  B 2 2 ? -5.427  1.558   1.555   1.00 26.20 ? 8  DT  E C2    1 
ATOM   155 O O2    . DT  B 2 2 ? -5.857  0.628   0.898   1.00 26.15 ? 8  DT  E O2    1 
ATOM   156 N N3    . DT  B 2 2 ? -4.536  2.457   1.048   1.00 24.71 ? 8  DT  E N3    1 
ATOM   157 C C4    . DT  B 2 2 ? -3.986  3.544   1.690   1.00 25.58 ? 8  DT  E C4    1 
ATOM   158 O O4    . DT  B 2 2 ? -3.211  4.276   1.084   1.00 21.54 ? 8  DT  E O4    1 
ATOM   159 C C5    . DT  B 2 2 ? -4.402  3.724   3.068   1.00 26.38 ? 8  DT  E C5    1 
ATOM   160 C C7    . DT  B 2 2 ? -3.846  4.868   3.858   1.00 27.20 ? 8  DT  E C7    1 
ATOM   161 C C6    . DT  B 2 2 ? -5.275  2.845   3.574   1.00 27.28 ? 8  DT  E C6    1 
HETATM 162 P P     . B7C B 2 3 ? -7.689  -2.744  5.446   1.00 36.56 ? 9  B7C E P     1 
HETATM 163 O OP1   . B7C B 2 3 ? -8.763  -3.771  5.441   1.00 34.69 ? 9  B7C E OP1   1 
HETATM 164 O OP2   . B7C B 2 3 ? -6.849  -2.543  6.641   1.00 36.54 ? 9  B7C E OP2   1 
HETATM 165 O "O5'" . B7C B 2 3 ? -6.798  -3.099  4.201   1.00 33.90 ? 9  B7C E "O5'" 1 
HETATM 166 N N1    . B7C B 2 3 ? -3.486  -1.784  1.688   1.00 23.30 ? 9  B7C E N1    1 
HETATM 167 C C6    . B7C B 2 3 ? -3.512  -1.241  2.931   1.00 25.25 ? 9  B7C E C6    1 
HETATM 168 C C2    . B7C B 2 3 ? -2.689  -1.233  0.676   1.00 25.04 ? 9  B7C E C2    1 
HETATM 169 O O2    . B7C B 2 3 ? -2.643  -1.771  -0.445  1.00 24.01 ? 9  B7C E O2    1 
HETATM 170 N N3    . B7C B 2 3 ? -1.975  -0.098  0.968   1.00 24.76 ? 9  B7C E N3    1 
HETATM 171 C C4    . B7C B 2 3 ? -2.048  0.460   2.196   1.00 26.66 ? 9  B7C E C4    1 
HETATM 172 N N4    . B7C B 2 3 ? -1.389  1.634   2.416   1.00 26.99 ? 9  B7C E N4    1 
HETATM 173 C C5    . B7C B 2 3 ? -2.827  -0.137  3.229   1.00 26.83 ? 9  B7C E C5    1 
HETATM 174 C C7    . B7C B 2 3 ? -2.827  0.412   4.563   1.00 27.75 ? 9  B7C E C7    1 
HETATM 175 C C8    . B7C B 2 3 ? -2.249  1.611   4.742   1.00 27.51 ? 9  B7C E C8    1 
HETATM 176 C C9    . B7C B 2 3 ? -1.068  1.936   3.828   1.00 27.66 ? 9  B7C E C9    1 
HETATM 177 C "C2'" . B7C B 2 3 ? -4.138  -4.180  2.244   1.00 26.29 ? 9  B7C E "C2'" 1 
HETATM 178 C "C5'" . B7C B 2 3 ? -7.466  -3.367  2.994   1.00 30.93 ? 9  B7C E "C5'" 1 
HETATM 179 C "C4'" . B7C B 2 3 ? -6.474  -3.675  1.915   1.00 28.18 ? 9  B7C E "C4'" 1 
HETATM 180 O "O4'" . B7C B 2 3 ? -5.667  -2.534  1.612   1.00 25.45 ? 9  B7C E "O4'" 1 
HETATM 181 C "C1'" . B7C B 2 3 ? -4.340  -2.950  1.379   1.00 25.92 ? 9  B7C E "C1'" 1 
HETATM 182 C "C3'" . B7C B 2 3 ? -5.527  -4.812  2.242   1.00 27.29 ? 9  B7C E "C3'" 1 
HETATM 183 O "O3'" . B7C B 2 3 ? -5.681  -5.720  1.126   1.00 27.93 ? 9  B7C E "O3'" 1 
ATOM   184 P P     . DG  B 2 4 ? -5.158  -7.258  1.156   1.00 30.23 ? 10 DG  E P     1 
ATOM   185 O OP1   . DG  B 2 4 ? -5.899  -8.012  0.075   1.00 29.73 ? 10 DG  E OP1   1 
ATOM   186 O OP2   . DG  B 2 4 ? -5.230  -7.797  2.559   1.00 27.00 ? 10 DG  E OP2   1 
ATOM   187 O "O5'" . DG  B 2 4 ? -3.627  -7.119  0.748   1.00 28.76 ? 10 DG  E "O5'" 1 
ATOM   188 C "C5'" . DG  B 2 4 ? -3.269  -7.044  -0.608  1.00 25.56 ? 10 DG  E "C5'" 1 
ATOM   189 C "C4'" . DG  B 2 4 ? -1.788  -6.804  -0.701  1.00 22.21 ? 10 DG  E "C4'" 1 
ATOM   190 O "O4'" . DG  B 2 4 ? -1.519  -5.496  -0.158  1.00 21.59 ? 10 DG  E "O4'" 1 
ATOM   191 C "C3'" . DG  B 2 4 ? -0.974  -7.781  0.155   1.00 24.09 ? 10 DG  E "C3'" 1 
ATOM   192 O "O3'" . DG  B 2 4 ? 0.201   -8.123  -0.559  1.00 23.98 ? 10 DG  E "O3'" 1 
ATOM   193 C "C2'" . DG  B 2 4 ? -0.535  -6.942  1.342   1.00 22.41 ? 10 DG  E "C2'" 1 
ATOM   194 C "C1'" . DG  B 2 4 ? -0.369  -5.628  0.636   1.00 20.51 ? 10 DG  E "C1'" 1 
ATOM   195 N N9    . DG  B 2 4 ? -0.232  -4.431  1.441   1.00 21.14 ? 10 DG  E N9    1 
ATOM   196 C C8    . DG  B 2 4 ? -0.728  -4.158  2.690   1.00 21.84 ? 10 DG  E C8    1 
ATOM   197 N N7    . DG  B 2 4 ? -0.403  -2.968  3.112   1.00 20.68 ? 10 DG  E N7    1 
ATOM   198 C C5    . DG  B 2 4 ? 0.345   -2.434  2.076   1.00 20.33 ? 10 DG  E C5    1 
ATOM   199 C C6    . DG  B 2 4 ? 0.976   -1.168  1.947   1.00 20.05 ? 10 DG  E C6    1 
ATOM   200 O O6    . DG  B 2 4 ? 0.988   -0.226  2.755   1.00 19.41 ? 10 DG  E O6    1 
ATOM   201 N N1    . DG  B 2 4 ? 1.641   -1.049  0.728   1.00 18.59 ? 10 DG  E N1    1 
ATOM   202 C C2    . DG  B 2 4 ? 1.696   -2.027  -0.245  1.00 20.47 ? 10 DG  E C2    1 
ATOM   203 N N2    . DG  B 2 4 ? 2.393   -1.739  -1.354  1.00 18.91 ? 10 DG  E N2    1 
ATOM   204 N N3    . DG  B 2 4 ? 1.108   -3.204  -0.133  1.00 18.54 ? 10 DG  E N3    1 
ATOM   205 C C4    . DG  B 2 4 ? 0.458   -3.333  1.040   1.00 19.92 ? 10 DG  E C4    1 
ATOM   206 P P     . DC  B 2 5 ? 0.421   -9.615  -1.065  1.00 23.60 ? 11 DC  E P     1 
ATOM   207 O OP1   . DC  B 2 5 ? -0.743  -9.972  -1.900  1.00 24.86 ? 11 DC  E OP1   1 
ATOM   208 O OP2   . DC  B 2 5 ? 0.790   -10.464 0.084   1.00 22.76 ? 11 DC  E OP2   1 
ATOM   209 O "O5'" . DC  B 2 5 ? 1.706   -9.446  -1.985  1.00 22.78 ? 11 DC  E "O5'" 1 
ATOM   210 C "C5'" . DC  B 2 5 ? 1.625   -8.744  -3.226  1.00 21.29 ? 11 DC  E "C5'" 1 
ATOM   211 C "C4'" . DC  B 2 5 ? 2.879   -7.933  -3.460  1.00 19.61 ? 11 DC  E "C4'" 1 
ATOM   212 O "O4'" . DC  B 2 5 ? 2.892   -6.758  -2.607  1.00 17.88 ? 11 DC  E "O4'" 1 
ATOM   213 C "C3'" . DC  B 2 5 ? 4.202   -8.665  -3.208  1.00 17.10 ? 11 DC  E "C3'" 1 
ATOM   214 O "O3'" . DC  B 2 5 ? 5.162   -8.240  -4.184  1.00 21.07 ? 11 DC  E "O3'" 1 
ATOM   215 C "C2'" . DC  B 2 5 ? 4.614   -8.152  -1.835  1.00 17.67 ? 11 DC  E "C2'" 1 
ATOM   216 C "C1'" . DC  B 2 5 ? 4.112   -6.709  -1.881  1.00 18.87 ? 11 DC  E "C1'" 1 
ATOM   217 N N1    . DC  B 2 5 ? 3.867   -6.042  -0.578  1.00 21.14 ? 11 DC  E N1    1 
ATOM   218 C C2    . DC  B 2 5 ? 4.339   -4.728  -0.395  1.00 22.12 ? 11 DC  E C2    1 
ATOM   219 O O2    . DC  B 2 5 ? 4.894   -4.153  -1.347  1.00 22.95 ? 11 DC  E O2    1 
ATOM   220 N N3    . DC  B 2 5 ? 4.169   -4.119  0.806   1.00 23.17 ? 11 DC  E N3    1 
ATOM   221 C C4    . DC  B 2 5 ? 3.545   -4.757  1.795   1.00 22.02 ? 11 DC  E C4    1 
ATOM   222 N N4    . DC  B 2 5 ? 3.416   -4.118  2.969   1.00 21.32 ? 11 DC  E N4    1 
ATOM   223 C C5    . DC  B 2 5 ? 3.026   -6.079  1.629   1.00 20.41 ? 11 DC  E C5    1 
ATOM   224 C C6    . DC  B 2 5 ? 3.211   -6.678  0.440   1.00 19.72 ? 11 DC  E C6    1 
ATOM   225 P P     . DG  B 2 6 ? 6.389   -9.201  -4.586  1.00 21.09 ? 12 DG  E P     1 
ATOM   226 O OP1   . DG  B 2 6 ? 7.092   -8.547  -5.722  1.00 24.19 ? 12 DG  E OP1   1 
ATOM   227 O OP2   . DG  B 2 6 ? 5.824   -10.556 -4.756  1.00 23.31 ? 12 DG  E OP2   1 
ATOM   228 O "O5'" . DG  B 2 6 ? 7.340   -9.268  -3.285  1.00 21.87 ? 12 DG  E "O5'" 1 
ATOM   229 C "C5'" . DG  B 2 6 ? 8.195   -8.177  -2.899  1.00 19.04 ? 12 DG  E "C5'" 1 
ATOM   230 C "C4'" . DG  B 2 6 ? 9.033   -8.530  -1.684  1.00 20.10 ? 12 DG  E "C4'" 1 
ATOM   231 O "O4'" . DG  B 2 6 ? 8.196   -8.922  -0.570  1.00 19.54 ? 12 DG  E "O4'" 1 
ATOM   232 C "C3'" . DG  B 2 6 ? 10.097  -9.617  -1.846  1.00 21.86 ? 12 DG  E "C3'" 1 
ATOM   233 O "O3'" . DG  B 2 6 ? 11.409  -9.078  -1.966  1.00 25.82 ? 12 DG  E "O3'" 1 
ATOM   234 C "C2'" . DG  B 2 6 ? 9.808   -10.644 -0.762  1.00 18.60 ? 12 DG  E "C2'" 1 
ATOM   235 C "C1'" . DG  B 2 6 ? 8.491   -10.229 -0.116  1.00 21.27 ? 12 DG  E "C1'" 1 
ATOM   236 N N9    . DG  B 2 6 ? 7.383   -11.072 -0.570  1.00 21.16 ? 12 DG  E N9    1 
ATOM   237 C C8    . DG  B 2 6 ? 7.433   -12.038 -1.545  1.00 21.93 ? 12 DG  E C8    1 
ATOM   238 N N7    . DG  B 2 6 ? 6.267   -12.575 -1.793  1.00 23.01 ? 12 DG  E N7    1 
ATOM   239 C C5    . DG  B 2 6 ? 5.406   -11.938 -0.916  1.00 22.58 ? 12 DG  E C5    1 
ATOM   240 C C6    . DG  B 2 6 ? 4.007   -12.092 -0.732  1.00 24.21 ? 12 DG  E C6    1 
ATOM   241 O O6    . DG  B 2 6 ? 3.235   -12.847 -1.336  1.00 24.90 ? 12 DG  E O6    1 
ATOM   242 N N1    . DG  B 2 6 ? 3.520   -11.247 0.262   1.00 23.77 ? 12 DG  E N1    1 
ATOM   243 C C2    . DG  B 2 6 ? 4.282   -10.361 0.986   1.00 25.52 ? 12 DG  E C2    1 
ATOM   244 N N2    . DG  B 2 6 ? 3.630   -9.629  1.908   1.00 22.72 ? 12 DG  E N2    1 
ATOM   245 N N3    . DG  B 2 6 ? 5.591   -10.206 0.818   1.00 22.74 ? 12 DG  E N3    1 
ATOM   246 C C4    . DG  B 2 6 ? 6.078   -11.017 -0.139  1.00 20.92 ? 12 DG  E C4    1 
HETATM 247 O O     . HOH C 3 . ? 0.568   9.745   -1.857  1.00 49.68 ? 7  HOH D O     1 
HETATM 248 O O     . HOH C 3 . ? 4.087   7.552   -1.693  1.00 41.24 ? 8  HOH D O     1 
HETATM 249 O O     . HOH C 3 . ? -2.179  5.708   -5.082  1.00 47.19 ? 9  HOH D O     1 
HETATM 250 O O     . HOH C 3 . ? 5.471   6.127   3.887   1.00 40.11 ? 10 HOH D O     1 
HETATM 251 O O     . HOH C 3 . ? -4.694  6.033   -5.906  1.00 34.24 ? 11 HOH D O     1 
HETATM 252 O O     . HOH C 3 . ? 0.007   5.402   0.384   1.00 49.43 ? 12 HOH D O     1 
HETATM 253 O O     . HOH C 3 . ? 9.590   0.143   3.046   1.00 20.40 ? 15 HOH D O     1 
HETATM 254 O O     . HOH C 3 . ? 1.978   4.890   3.999   1.00 49.27 ? 16 HOH D O     1 
HETATM 255 O O     . HOH C 3 . ? 2.499   6.706   7.979   1.00 57.49 ? 17 HOH D O     1 
HETATM 256 O O     . HOH C 3 . ? -0.533  4.755   6.135   1.00 47.30 ? 18 HOH D O     1 
HETATM 257 O O     . HOH C 3 . ? 1.795   9.197   2.757   1.00 49.92 ? 19 HOH D O     1 
HETATM 258 O O     . HOH C 3 . ? -4.526  0.703   -10.873 1.00 52.39 ? 26 HOH D O     1 
HETATM 259 O O     . HOH C 3 . ? 1.550   -3.971  -8.774  1.00 25.96 ? 27 HOH D O     1 
HETATM 260 O O     . HOH C 3 . ? 3.382   -1.216  -9.379  1.00 31.31 ? 28 HOH D O     1 
HETATM 261 O O     . HOH C 3 . ? 11.843  10.366  0.836   1.00 50.33 ? 29 HOH D O     1 
HETATM 262 O O     . HOH C 3 . ? 2.798   0.572   -11.142 1.00 42.00 ? 31 HOH D O     1 
HETATM 263 O O     . HOH C 3 . ? 4.585   2.410   -10.983 1.00 54.78 ? 32 HOH D O     1 
HETATM 264 O O     . HOH C 3 . ? -0.117  4.800   -12.287 1.00 42.37 ? 33 HOH D O     1 
HETATM 265 O O     . HOH C 3 . ? 4.056   9.559   -7.612  1.00 53.47 ? 40 HOH D O     1 
HETATM 266 O O     . HOH D 3 . ? -5.307  8.384   4.915   1.00 33.08 ? 5  HOH E O     1 
HETATM 267 O O     . HOH D 3 . ? -4.669  -13.053 2.888   1.00 62.84 ? 13 HOH E O     1 
HETATM 268 O O     . HOH D 3 . ? -1.784  -6.398  5.010   1.00 39.23 ? 14 HOH E O     1 
HETATM 269 O O     . HOH D 3 . ? -3.271  7.896   -2.092  1.00 42.77 ? 15 HOH E O     1 
HETATM 270 O O     . HOH D 3 . ? -2.153  10.830  6.671   1.00 49.81 ? 16 HOH E O     1 
HETATM 271 O O     . HOH D 3 . ? -9.015  8.601   9.297   1.00 46.89 ? 17 HOH E O     1 
HETATM 272 O O     . HOH D 3 . ? -11.057 -3.375  4.506   1.00 58.38 ? 18 HOH E O     1 
HETATM 273 O O     . HOH D 3 . ? -6.162  -5.013  8.866   1.00 56.21 ? 19 HOH E O     1 
HETATM 274 O O     . HOH D 3 . ? -5.902  -2.219  10.702  1.00 53.76 ? 20 HOH E O     1 
HETATM 275 O O     . HOH D 3 . ? -4.763  2.937   6.896   1.00 37.32 ? 21 HOH E O     1 
HETATM 276 O O     . HOH D 3 . ? -4.412  0.502   8.099   1.00 45.47 ? 22 HOH E O     1 
HETATM 277 O O     . HOH D 3 . ? -2.641  2.937   10.705  1.00 55.43 ? 23 HOH E O     1 
HETATM 278 O O     . HOH D 3 . ? -7.603  -1.079  -0.255  1.00 26.45 ? 24 HOH E O     1 
HETATM 279 O O     . HOH D 3 . ? -4.068  -2.585  -2.540  1.00 29.08 ? 25 HOH E O     1 
HETATM 280 O O     . HOH D 3 . ? 3.743   -11.219 -6.539  1.00 46.23 ? 30 HOH E O     1 
HETATM 281 O O     . HOH D 3 . ? 0.843   -10.247 2.731   1.00 25.03 ? 34 HOH E O     1 
HETATM 282 O O     . HOH D 3 . ? -2.201  -13.453 -0.098  1.00 45.68 ? 35 HOH E O     1 
HETATM 283 O O     . HOH D 3 . ? -2.829  -11.158 1.565   1.00 45.54 ? 36 HOH E O     1 
HETATM 284 O O     . HOH D 3 . ? -1.390  -9.474  4.027   1.00 32.83 ? 37 HOH E O     1 
HETATM 285 O O     . HOH D 3 . ? -9.681  -7.126  2.103   1.00 54.43 ? 38 HOH E O     1 
HETATM 286 O O     . HOH D 3 . ? -4.855  6.722   7.438   1.00 44.23 ? 39 HOH E O     1 
HETATM 287 O O     . HOH D 3 . ? -1.714  -2.381  5.622   1.00 40.94 ? 41 HOH E O     1 
HETATM 288 O O     . HOH D 3 . ? -12.440 -0.024  4.766   0.50 45.39 ? 42 HOH E O     1 
HETATM 289 O O     . HOH D 3 . ? -10.169 -0.669  1.426   1.00 33.77 ? 43 HOH E O     1 
HETATM 290 O O     . HOH D 3 . ? -10.326 2.207   1.648   0.50 29.55 ? 44 HOH E O     1 
HETATM 291 O O     . HOH D 3 . ? -6.839  -3.422  -1.751  1.00 31.63 ? 45 HOH E O     1 
HETATM 292 O O     . HOH D 3 . ? 3.437   -13.183 -4.091  1.00 46.92 ? 46 HOH E O     1 
HETATM 293 O O     . HOH D 3 . ? -0.084  -12.128 -3.983  1.00 49.21 ? 47 HOH E O     1 
HETATM 294 O O     . HOH D 3 . ? 7.296   -12.776 -5.096  1.00 43.31 ? 48 HOH E O     1 
HETATM 295 O O     . HOH D 3 . ? -0.089  -13.121 3.312   1.00 38.24 ? 49 HOH E O     1 
# 
loop_
_pdbx_poly_seq_scheme.asym_id 
_pdbx_poly_seq_scheme.entity_id 
_pdbx_poly_seq_scheme.seq_id 
_pdbx_poly_seq_scheme.mon_id 
_pdbx_poly_seq_scheme.ndb_seq_num 
_pdbx_poly_seq_scheme.pdb_seq_num 
_pdbx_poly_seq_scheme.auth_seq_num 
_pdbx_poly_seq_scheme.pdb_mon_id 
_pdbx_poly_seq_scheme.auth_mon_id 
_pdbx_poly_seq_scheme.pdb_strand_id 
_pdbx_poly_seq_scheme.pdb_ins_code 
_pdbx_poly_seq_scheme.hetero 
A 1 1 DC  1 1  1  DC  CYT D . n 
A 1 2 DG  2 2  2  DG  GUA D . n 
A 1 3 DC  3 3  3  DC  CYT D . n 
A 1 4 DG  4 4  4  DG  GUX D . n 
A 1 5 DA  5 5  5  DA  ADE D . n 
A 1 6 DA  6 6  6  DA  ADE D . n 
B 2 1 DT  1 7  7  DT  THY E . n 
B 2 2 DT  2 8  8  DT  THY E . n 
B 2 3 B7C 3 9  9  B7C BIC E . n 
B 2 4 DG  4 10 10 DG  GUA E . n 
B 2 5 DC  5 11 11 DC  CYT E . n 
B 2 6 DG  6 12 12 DG  GUA E . n 
# 
loop_
_pdbx_nonpoly_scheme.asym_id 
_pdbx_nonpoly_scheme.entity_id 
_pdbx_nonpoly_scheme.mon_id 
_pdbx_nonpoly_scheme.ndb_seq_num 
_pdbx_nonpoly_scheme.pdb_seq_num 
_pdbx_nonpoly_scheme.auth_seq_num 
_pdbx_nonpoly_scheme.pdb_mon_id 
_pdbx_nonpoly_scheme.auth_mon_id 
_pdbx_nonpoly_scheme.pdb_strand_id 
_pdbx_nonpoly_scheme.pdb_ins_code 
C 3 HOH 1  7  7  HOH HOH D . 
C 3 HOH 2  8  8  HOH HOH D . 
C 3 HOH 3  9  9  HOH HOH D . 
C 3 HOH 4  10 1  HOH HOH D . 
C 3 HOH 5  11 11 HOH HOH D . 
C 3 HOH 6  12 12 HOH HOH D . 
C 3 HOH 7  15 15 HOH HOH D . 
C 3 HOH 8  16 2  HOH HOH D . 
C 3 HOH 9  17 3  HOH HOH D . 
C 3 HOH 10 18 4  HOH HOH D . 
C 3 HOH 11 19 6  HOH HOH D . 
C 3 HOH 12 26 26 HOH HOH D . 
C 3 HOH 13 27 27 HOH HOH D . 
C 3 HOH 14 28 28 HOH HOH D . 
C 3 HOH 15 29 29 HOH HOH D . 
C 3 HOH 16 31 31 HOH HOH D . 
C 3 HOH 17 32 32 HOH HOH D . 
C 3 HOH 18 33 33 HOH HOH D . 
C 3 HOH 19 40 40 HOH HOH D . 
D 3 HOH 1  5  5  HOH HOH E . 
D 3 HOH 2  13 13 HOH HOH E . 
D 3 HOH 3  14 14 HOH HOH E . 
D 3 HOH 4  15 10 HOH HOH E . 
D 3 HOH 5  16 16 HOH HOH E . 
D 3 HOH 6  17 17 HOH HOH E . 
D 3 HOH 7  18 18 HOH HOH E . 
D 3 HOH 8  19 19 HOH HOH E . 
D 3 HOH 9  20 20 HOH HOH E . 
D 3 HOH 10 21 21 HOH HOH E . 
D 3 HOH 11 22 22 HOH HOH E . 
D 3 HOH 12 23 23 HOH HOH E . 
D 3 HOH 13 24 24 HOH HOH E . 
D 3 HOH 14 25 25 HOH HOH E . 
D 3 HOH 15 30 30 HOH HOH E . 
D 3 HOH 16 34 34 HOH HOH E . 
D 3 HOH 17 35 35 HOH HOH E . 
D 3 HOH 18 36 36 HOH HOH E . 
D 3 HOH 19 37 37 HOH HOH E . 
D 3 HOH 20 38 38 HOH HOH E . 
D 3 HOH 21 39 39 HOH HOH E . 
D 3 HOH 22 41 41 HOH HOH E . 
D 3 HOH 23 42 42 HOH HOH E . 
D 3 HOH 24 43 43 HOH HOH E . 
D 3 HOH 25 44 44 HOH HOH E . 
D 3 HOH 26 45 45 HOH HOH E . 
D 3 HOH 27 46 46 HOH HOH E . 
D 3 HOH 28 47 47 HOH HOH E . 
D 3 HOH 29 48 48 HOH HOH E . 
D 3 HOH 30 49 49 HOH HOH E . 
# 
_pdbx_struct_mod_residue.id               1 
_pdbx_struct_mod_residue.label_asym_id    B 
_pdbx_struct_mod_residue.label_comp_id    B7C 
_pdbx_struct_mod_residue.label_seq_id     3 
_pdbx_struct_mod_residue.auth_asym_id     E 
_pdbx_struct_mod_residue.auth_comp_id     B7C 
_pdbx_struct_mod_residue.auth_seq_id      9 
_pdbx_struct_mod_residue.PDB_ins_code     ? 
_pdbx_struct_mod_residue.parent_comp_id   DC 
_pdbx_struct_mod_residue.details          ? 
# 
_pdbx_struct_assembly.id                   1 
_pdbx_struct_assembly.details              author_and_software_defined_assembly 
_pdbx_struct_assembly.method_details       PISA 
_pdbx_struct_assembly.oligomeric_details   dimeric 
_pdbx_struct_assembly.oligomeric_count     2 
# 
_pdbx_struct_assembly_gen.assembly_id       1 
_pdbx_struct_assembly_gen.oper_expression   1 
_pdbx_struct_assembly_gen.asym_id_list      A,B,C,D 
# 
loop_
_pdbx_struct_assembly_prop.biol_id 
_pdbx_struct_assembly_prop.type 
_pdbx_struct_assembly_prop.value 
_pdbx_struct_assembly_prop.details 
1 'ABSA (A^2)' 460  ? 
1 MORE         -3   ? 
1 'SSA (A^2)'  2670 ? 
# 
_pdbx_struct_oper_list.id                   1 
_pdbx_struct_oper_list.type                 'identity operation' 
_pdbx_struct_oper_list.name                 1_555 
_pdbx_struct_oper_list.symmetry_operation   x,y,z 
_pdbx_struct_oper_list.matrix[1][1]         1.0000000000 
_pdbx_struct_oper_list.matrix[1][2]         0.0000000000 
_pdbx_struct_oper_list.matrix[1][3]         0.0000000000 
_pdbx_struct_oper_list.vector[1]            0.0000000000 
_pdbx_struct_oper_list.matrix[2][1]         0.0000000000 
_pdbx_struct_oper_list.matrix[2][2]         1.0000000000 
_pdbx_struct_oper_list.matrix[2][3]         0.0000000000 
_pdbx_struct_oper_list.vector[2]            0.0000000000 
_pdbx_struct_oper_list.matrix[3][1]         0.0000000000 
_pdbx_struct_oper_list.matrix[3][2]         0.0000000000 
_pdbx_struct_oper_list.matrix[3][3]         1.0000000000 
_pdbx_struct_oper_list.vector[3]            0.0000000000 
# 
loop_
_pdbx_struct_special_symmetry.id 
_pdbx_struct_special_symmetry.PDB_model_num 
_pdbx_struct_special_symmetry.auth_asym_id 
_pdbx_struct_special_symmetry.auth_comp_id 
_pdbx_struct_special_symmetry.auth_seq_id 
_pdbx_struct_special_symmetry.PDB_ins_code 
_pdbx_struct_special_symmetry.label_asym_id 
_pdbx_struct_special_symmetry.label_comp_id 
_pdbx_struct_special_symmetry.label_seq_id 
1 1 E HOH 42 ? D HOH . 
2 1 E HOH 44 ? D HOH . 
# 
loop_
_pdbx_audit_revision_history.ordinal 
_pdbx_audit_revision_history.data_content_type 
_pdbx_audit_revision_history.major_revision 
_pdbx_audit_revision_history.minor_revision 
_pdbx_audit_revision_history.revision_date 
1 'Structure model' 1 0 2010-08-11 
2 'Structure model' 1 1 2011-07-13 
3 'Structure model' 1 2 2023-11-01 
# 
_pdbx_audit_revision_details.ordinal             1 
_pdbx_audit_revision_details.revision_ordinal    1 
_pdbx_audit_revision_details.data_content_type   'Structure model' 
_pdbx_audit_revision_details.provider            repository 
_pdbx_audit_revision_details.type                'Initial release' 
_pdbx_audit_revision_details.description         ? 
_pdbx_audit_revision_details.details             ? 
# 
loop_
_pdbx_audit_revision_group.ordinal 
_pdbx_audit_revision_group.revision_ordinal 
_pdbx_audit_revision_group.data_content_type 
_pdbx_audit_revision_group.group 
1 2 'Structure model' 'Version format compliance' 
2 3 'Structure model' 'Data collection'           
3 3 'Structure model' 'Database references'       
4 3 'Structure model' 'Derived calculations'      
5 3 'Structure model' 'Refinement description'    
# 
loop_
_pdbx_audit_revision_category.ordinal 
_pdbx_audit_revision_category.revision_ordinal 
_pdbx_audit_revision_category.data_content_type 
_pdbx_audit_revision_category.category 
1 3 'Structure model' chem_comp_atom                
2 3 'Structure model' chem_comp_bond                
3 3 'Structure model' database_2                    
4 3 'Structure model' pdbx_initial_refinement_model 
5 3 'Structure model' struct_conn                   
# 
loop_
_pdbx_audit_revision_item.ordinal 
_pdbx_audit_revision_item.revision_ordinal 
_pdbx_audit_revision_item.data_content_type 
_pdbx_audit_revision_item.item 
1 3 'Structure model' '_database_2.pdbx_DOI'                
2 3 'Structure model' '_database_2.pdbx_database_accession' 
3 3 'Structure model' '_struct_conn.pdbx_leaving_atom_flag' 
# 
loop_
_software.name 
_software.classification 
_software.version 
_software.citation_id 
_software.pdbx_ordinal 
CNS      refinement        1.2 ? 1 
HKL-2000 'data collection' .   ? 2 
HKL-2000 'data reduction'  .   ? 3 
HKL-2000 'data scaling'    .   ? 4 
AMoRE    phasing           .   ? 5 
# 
_pdbx_validate_symm_contact.id                1 
_pdbx_validate_symm_contact.PDB_model_num     1 
_pdbx_validate_symm_contact.auth_atom_id_1    "O3'" 
_pdbx_validate_symm_contact.auth_asym_id_1    D 
_pdbx_validate_symm_contact.auth_comp_id_1    DA 
_pdbx_validate_symm_contact.auth_seq_id_1     6 
_pdbx_validate_symm_contact.PDB_ins_code_1    ? 
_pdbx_validate_symm_contact.label_alt_id_1    ? 
_pdbx_validate_symm_contact.site_symmetry_1   1_555 
_pdbx_validate_symm_contact.auth_atom_id_2    P 
_pdbx_validate_symm_contact.auth_asym_id_2    E 
_pdbx_validate_symm_contact.auth_comp_id_2    DT 
_pdbx_validate_symm_contact.auth_seq_id_2     7 
_pdbx_validate_symm_contact.PDB_ins_code_2    ? 
_pdbx_validate_symm_contact.label_alt_id_2    ? 
_pdbx_validate_symm_contact.site_symmetry_2   5_555 
_pdbx_validate_symm_contact.dist              1.92 
# 
_pdbx_validate_rmsd_angle.id                         1 
_pdbx_validate_rmsd_angle.PDB_model_num              1 
_pdbx_validate_rmsd_angle.auth_atom_id_1             "C4'" 
_pdbx_validate_rmsd_angle.auth_asym_id_1             D 
_pdbx_validate_rmsd_angle.auth_comp_id_1             DA 
_pdbx_validate_rmsd_angle.auth_seq_id_1              6 
_pdbx_validate_rmsd_angle.PDB_ins_code_1             ? 
_pdbx_validate_rmsd_angle.label_alt_id_1             ? 
_pdbx_validate_rmsd_angle.auth_atom_id_2             "C3'" 
_pdbx_validate_rmsd_angle.auth_asym_id_2             D 
_pdbx_validate_rmsd_angle.auth_comp_id_2             DA 
_pdbx_validate_rmsd_angle.auth_seq_id_2              6 
_pdbx_validate_rmsd_angle.PDB_ins_code_2             ? 
_pdbx_validate_rmsd_angle.label_alt_id_2             ? 
_pdbx_validate_rmsd_angle.auth_atom_id_3             "O3'" 
_pdbx_validate_rmsd_angle.auth_asym_id_3             D 
_pdbx_validate_rmsd_angle.auth_comp_id_3             DA 
_pdbx_validate_rmsd_angle.auth_seq_id_3              6 
_pdbx_validate_rmsd_angle.PDB_ins_code_3             ? 
_pdbx_validate_rmsd_angle.label_alt_id_3             ? 
_pdbx_validate_rmsd_angle.angle_value                91.78 
_pdbx_validate_rmsd_angle.angle_target_value         109.70 
_pdbx_validate_rmsd_angle.angle_deviation            -17.92 
_pdbx_validate_rmsd_angle.angle_standard_deviation   2.50 
_pdbx_validate_rmsd_angle.linker_flag                N 
# 
loop_
_chem_comp_atom.comp_id 
_chem_comp_atom.atom_id 
_chem_comp_atom.type_symbol 
_chem_comp_atom.pdbx_aromatic_flag 
_chem_comp_atom.pdbx_stereo_config 
_chem_comp_atom.pdbx_ordinal 
B7C OP3    O N N 1   
B7C P      P N N 2   
B7C OP1    O N N 3   
B7C OP2    O N N 4   
B7C "O5'"  O N N 5   
B7C N1     N N N 6   
B7C C6     C N N 7   
B7C C2     C N N 8   
B7C O2     O N N 9   
B7C N3     N N N 10  
B7C C4     C N N 11  
B7C N4     N N N 12  
B7C C5     C N N 13  
B7C C7     C N N 14  
B7C C8     C N N 15  
B7C C9     C N N 16  
B7C "C2'"  C N N 17  
B7C "C5'"  C N N 18  
B7C "C4'"  C N R 19  
B7C "O4'"  O N N 20  
B7C "C1'"  C N R 21  
B7C "C3'"  C N S 22  
B7C "O3'"  O N N 23  
B7C HOP3   H N N 24  
B7C HOP1   H N N 25  
B7C H6     H N N 26  
B7C HN4    H N N 27  
B7C H7     H N N 28  
B7C H8     H N N 29  
B7C H9     H N N 30  
B7C H9A    H N N 31  
B7C "H2'"  H N N 32  
B7C "H2'A" H N N 33  
B7C "H5'"  H N N 34  
B7C "H5'A" H N N 35  
B7C "H4'"  H N N 36  
B7C "H1'"  H N N 37  
B7C "H3'"  H N N 38  
B7C "HO3'" H N N 39  
DA  OP3    O N N 40  
DA  P      P N N 41  
DA  OP1    O N N 42  
DA  OP2    O N N 43  
DA  "O5'"  O N N 44  
DA  "C5'"  C N N 45  
DA  "C4'"  C N R 46  
DA  "O4'"  O N N 47  
DA  "C3'"  C N S 48  
DA  "O3'"  O N N 49  
DA  "C2'"  C N N 50  
DA  "C1'"  C N R 51  
DA  N9     N Y N 52  
DA  C8     C Y N 53  
DA  N7     N Y N 54  
DA  C5     C Y N 55  
DA  C6     C Y N 56  
DA  N6     N N N 57  
DA  N1     N Y N 58  
DA  C2     C Y N 59  
DA  N3     N Y N 60  
DA  C4     C Y N 61  
DA  HOP3   H N N 62  
DA  HOP2   H N N 63  
DA  "H5'"  H N N 64  
DA  "H5''" H N N 65  
DA  "H4'"  H N N 66  
DA  "H3'"  H N N 67  
DA  "HO3'" H N N 68  
DA  "H2'"  H N N 69  
DA  "H2''" H N N 70  
DA  "H1'"  H N N 71  
DA  H8     H N N 72  
DA  H61    H N N 73  
DA  H62    H N N 74  
DA  H2     H N N 75  
DC  OP3    O N N 76  
DC  P      P N N 77  
DC  OP1    O N N 78  
DC  OP2    O N N 79  
DC  "O5'"  O N N 80  
DC  "C5'"  C N N 81  
DC  "C4'"  C N R 82  
DC  "O4'"  O N N 83  
DC  "C3'"  C N S 84  
DC  "O3'"  O N N 85  
DC  "C2'"  C N N 86  
DC  "C1'"  C N R 87  
DC  N1     N N N 88  
DC  C2     C N N 89  
DC  O2     O N N 90  
DC  N3     N N N 91  
DC  C4     C N N 92  
DC  N4     N N N 93  
DC  C5     C N N 94  
DC  C6     C N N 95  
DC  HOP3   H N N 96  
DC  HOP2   H N N 97  
DC  "H5'"  H N N 98  
DC  "H5''" H N N 99  
DC  "H4'"  H N N 100 
DC  "H3'"  H N N 101 
DC  "HO3'" H N N 102 
DC  "H2'"  H N N 103 
DC  "H2''" H N N 104 
DC  "H1'"  H N N 105 
DC  H41    H N N 106 
DC  H42    H N N 107 
DC  H5     H N N 108 
DC  H6     H N N 109 
DG  OP3    O N N 110 
DG  P      P N N 111 
DG  OP1    O N N 112 
DG  OP2    O N N 113 
DG  "O5'"  O N N 114 
DG  "C5'"  C N N 115 
DG  "C4'"  C N R 116 
DG  "O4'"  O N N 117 
DG  "C3'"  C N S 118 
DG  "O3'"  O N N 119 
DG  "C2'"  C N N 120 
DG  "C1'"  C N R 121 
DG  N9     N Y N 122 
DG  C8     C Y N 123 
DG  N7     N Y N 124 
DG  C5     C Y N 125 
DG  C6     C N N 126 
DG  O6     O N N 127 
DG  N1     N N N 128 
DG  C2     C N N 129 
DG  N2     N N N 130 
DG  N3     N N N 131 
DG  C4     C Y N 132 
DG  HOP3   H N N 133 
DG  HOP2   H N N 134 
DG  "H5'"  H N N 135 
DG  "H5''" H N N 136 
DG  "H4'"  H N N 137 
DG  "H3'"  H N N 138 
DG  "HO3'" H N N 139 
DG  "H2'"  H N N 140 
DG  "H2''" H N N 141 
DG  "H1'"  H N N 142 
DG  H8     H N N 143 
DG  H1     H N N 144 
DG  H21    H N N 145 
DG  H22    H N N 146 
DT  OP3    O N N 147 
DT  P      P N N 148 
DT  OP1    O N N 149 
DT  OP2    O N N 150 
DT  "O5'"  O N N 151 
DT  "C5'"  C N N 152 
DT  "C4'"  C N R 153 
DT  "O4'"  O N N 154 
DT  "C3'"  C N S 155 
DT  "O3'"  O N N 156 
DT  "C2'"  C N N 157 
DT  "C1'"  C N R 158 
DT  N1     N N N 159 
DT  C2     C N N 160 
DT  O2     O N N 161 
DT  N3     N N N 162 
DT  C4     C N N 163 
DT  O4     O N N 164 
DT  C5     C N N 165 
DT  C7     C N N 166 
DT  C6     C N N 167 
DT  HOP3   H N N 168 
DT  HOP2   H N N 169 
DT  "H5'"  H N N 170 
DT  "H5''" H N N 171 
DT  "H4'"  H N N 172 
DT  "H3'"  H N N 173 
DT  "HO3'" H N N 174 
DT  "H2'"  H N N 175 
DT  "H2''" H N N 176 
DT  "H1'"  H N N 177 
DT  H3     H N N 178 
DT  H71    H N N 179 
DT  H72    H N N 180 
DT  H73    H N N 181 
DT  H6     H N N 182 
HOH O      O N N 183 
HOH H1     H N N 184 
HOH H2     H N N 185 
# 
loop_
_chem_comp_bond.comp_id 
_chem_comp_bond.atom_id_1 
_chem_comp_bond.atom_id_2 
_chem_comp_bond.value_order 
_chem_comp_bond.pdbx_aromatic_flag 
_chem_comp_bond.pdbx_stereo_config 
_chem_comp_bond.pdbx_ordinal 
B7C OP3   P      sing N N 1   
B7C P     OP1    sing N N 2   
B7C P     OP2    doub N N 3   
B7C P     "O5'"  sing N N 4   
B7C "O5'" "C5'"  sing N N 5   
B7C N1    C6     sing N N 6   
B7C N1    C2     sing N N 7   
B7C N1    "C1'"  sing N N 8   
B7C C6    C5     doub N N 9   
B7C C2    O2     doub N N 10  
B7C C2    N3     sing N N 11  
B7C N3    C4     doub N N 12  
B7C C4    N4     sing N N 13  
B7C C4    C5     sing N N 14  
B7C N4    C9     sing N N 15  
B7C C5    C7     sing N N 16  
B7C C7    C8     doub N N 17  
B7C C8    C9     sing N N 18  
B7C "C2'" "C1'"  sing N N 19  
B7C "C2'" "C3'"  sing N N 20  
B7C "C5'" "C4'"  sing N N 21  
B7C "C4'" "O4'"  sing N N 22  
B7C "C4'" "C3'"  sing N N 23  
B7C "O4'" "C1'"  sing N N 24  
B7C "C3'" "O3'"  sing N N 25  
B7C OP3   HOP3   sing N N 26  
B7C OP1   HOP1   sing N N 27  
B7C C6    H6     sing N N 28  
B7C N4    HN4    sing N N 29  
B7C C7    H7     sing N N 30  
B7C C8    H8     sing N N 31  
B7C C9    H9     sing N N 32  
B7C C9    H9A    sing N N 33  
B7C "C2'" "H2'"  sing N N 34  
B7C "C2'" "H2'A" sing N N 35  
B7C "C5'" "H5'"  sing N N 36  
B7C "C5'" "H5'A" sing N N 37  
B7C "C4'" "H4'"  sing N N 38  
B7C "C1'" "H1'"  sing N N 39  
B7C "C3'" "H3'"  sing N N 40  
B7C "O3'" "HO3'" sing N N 41  
DA  OP3   P      sing N N 42  
DA  OP3   HOP3   sing N N 43  
DA  P     OP1    doub N N 44  
DA  P     OP2    sing N N 45  
DA  P     "O5'"  sing N N 46  
DA  OP2   HOP2   sing N N 47  
DA  "O5'" "C5'"  sing N N 48  
DA  "C5'" "C4'"  sing N N 49  
DA  "C5'" "H5'"  sing N N 50  
DA  "C5'" "H5''" sing N N 51  
DA  "C4'" "O4'"  sing N N 52  
DA  "C4'" "C3'"  sing N N 53  
DA  "C4'" "H4'"  sing N N 54  
DA  "O4'" "C1'"  sing N N 55  
DA  "C3'" "O3'"  sing N N 56  
DA  "C3'" "C2'"  sing N N 57  
DA  "C3'" "H3'"  sing N N 58  
DA  "O3'" "HO3'" sing N N 59  
DA  "C2'" "C1'"  sing N N 60  
DA  "C2'" "H2'"  sing N N 61  
DA  "C2'" "H2''" sing N N 62  
DA  "C1'" N9     sing N N 63  
DA  "C1'" "H1'"  sing N N 64  
DA  N9    C8     sing Y N 65  
DA  N9    C4     sing Y N 66  
DA  C8    N7     doub Y N 67  
DA  C8    H8     sing N N 68  
DA  N7    C5     sing Y N 69  
DA  C5    C6     sing Y N 70  
DA  C5    C4     doub Y N 71  
DA  C6    N6     sing N N 72  
DA  C6    N1     doub Y N 73  
DA  N6    H61    sing N N 74  
DA  N6    H62    sing N N 75  
DA  N1    C2     sing Y N 76  
DA  C2    N3     doub Y N 77  
DA  C2    H2     sing N N 78  
DA  N3    C4     sing Y N 79  
DC  OP3   P      sing N N 80  
DC  OP3   HOP3   sing N N 81  
DC  P     OP1    doub N N 82  
DC  P     OP2    sing N N 83  
DC  P     "O5'"  sing N N 84  
DC  OP2   HOP2   sing N N 85  
DC  "O5'" "C5'"  sing N N 86  
DC  "C5'" "C4'"  sing N N 87  
DC  "C5'" "H5'"  sing N N 88  
DC  "C5'" "H5''" sing N N 89  
DC  "C4'" "O4'"  sing N N 90  
DC  "C4'" "C3'"  sing N N 91  
DC  "C4'" "H4'"  sing N N 92  
DC  "O4'" "C1'"  sing N N 93  
DC  "C3'" "O3'"  sing N N 94  
DC  "C3'" "C2'"  sing N N 95  
DC  "C3'" "H3'"  sing N N 96  
DC  "O3'" "HO3'" sing N N 97  
DC  "C2'" "C1'"  sing N N 98  
DC  "C2'" "H2'"  sing N N 99  
DC  "C2'" "H2''" sing N N 100 
DC  "C1'" N1     sing N N 101 
DC  "C1'" "H1'"  sing N N 102 
DC  N1    C2     sing N N 103 
DC  N1    C6     sing N N 104 
DC  C2    O2     doub N N 105 
DC  C2    N3     sing N N 106 
DC  N3    C4     doub N N 107 
DC  C4    N4     sing N N 108 
DC  C4    C5     sing N N 109 
DC  N4    H41    sing N N 110 
DC  N4    H42    sing N N 111 
DC  C5    C6     doub N N 112 
DC  C5    H5     sing N N 113 
DC  C6    H6     sing N N 114 
DG  OP3   P      sing N N 115 
DG  OP3   HOP3   sing N N 116 
DG  P     OP1    doub N N 117 
DG  P     OP2    sing N N 118 
DG  P     "O5'"  sing N N 119 
DG  OP2   HOP2   sing N N 120 
DG  "O5'" "C5'"  sing N N 121 
DG  "C5'" "C4'"  sing N N 122 
DG  "C5'" "H5'"  sing N N 123 
DG  "C5'" "H5''" sing N N 124 
DG  "C4'" "O4'"  sing N N 125 
DG  "C4'" "C3'"  sing N N 126 
DG  "C4'" "H4'"  sing N N 127 
DG  "O4'" "C1'"  sing N N 128 
DG  "C3'" "O3'"  sing N N 129 
DG  "C3'" "C2'"  sing N N 130 
DG  "C3'" "H3'"  sing N N 131 
DG  "O3'" "HO3'" sing N N 132 
DG  "C2'" "C1'"  sing N N 133 
DG  "C2'" "H2'"  sing N N 134 
DG  "C2'" "H2''" sing N N 135 
DG  "C1'" N9     sing N N 136 
DG  "C1'" "H1'"  sing N N 137 
DG  N9    C8     sing Y N 138 
DG  N9    C4     sing Y N 139 
DG  C8    N7     doub Y N 140 
DG  C8    H8     sing N N 141 
DG  N7    C5     sing Y N 142 
DG  C5    C6     sing N N 143 
DG  C5    C4     doub Y N 144 
DG  C6    O6     doub N N 145 
DG  C6    N1     sing N N 146 
DG  N1    C2     sing N N 147 
DG  N1    H1     sing N N 148 
DG  C2    N2     sing N N 149 
DG  C2    N3     doub N N 150 
DG  N2    H21    sing N N 151 
DG  N2    H22    sing N N 152 
DG  N3    C4     sing N N 153 
DT  OP3   P      sing N N 154 
DT  OP3   HOP3   sing N N 155 
DT  P     OP1    doub N N 156 
DT  P     OP2    sing N N 157 
DT  P     "O5'"  sing N N 158 
DT  OP2   HOP2   sing N N 159 
DT  "O5'" "C5'"  sing N N 160 
DT  "C5'" "C4'"  sing N N 161 
DT  "C5'" "H5'"  sing N N 162 
DT  "C5'" "H5''" sing N N 163 
DT  "C4'" "O4'"  sing N N 164 
DT  "C4'" "C3'"  sing N N 165 
DT  "C4'" "H4'"  sing N N 166 
DT  "O4'" "C1'"  sing N N 167 
DT  "C3'" "O3'"  sing N N 168 
DT  "C3'" "C2'"  sing N N 169 
DT  "C3'" "H3'"  sing N N 170 
DT  "O3'" "HO3'" sing N N 171 
DT  "C2'" "C1'"  sing N N 172 
DT  "C2'" "H2'"  sing N N 173 
DT  "C2'" "H2''" sing N N 174 
DT  "C1'" N1     sing N N 175 
DT  "C1'" "H1'"  sing N N 176 
DT  N1    C2     sing N N 177 
DT  N1    C6     sing N N 178 
DT  C2    O2     doub N N 179 
DT  C2    N3     sing N N 180 
DT  N3    C4     sing N N 181 
DT  N3    H3     sing N N 182 
DT  C4    O4     doub N N 183 
DT  C4    C5     sing N N 184 
DT  C5    C7     sing N N 185 
DT  C5    C6     doub N N 186 
DT  C7    H71    sing N N 187 
DT  C7    H72    sing N N 188 
DT  C7    H73    sing N N 189 
DT  C6    H6     sing N N 190 
HOH O     H1     sing N N 191 
HOH O     H2     sing N N 192 
# 
loop_
_ndb_struct_conf_na.entry_id 
_ndb_struct_conf_na.feature 
3N4N 'double helix'         
3N4N 'mismatched base pair' 
# 
loop_
_ndb_struct_na_base_pair.model_number 
_ndb_struct_na_base_pair.i_label_asym_id 
_ndb_struct_na_base_pair.i_label_comp_id 
_ndb_struct_na_base_pair.i_label_seq_id 
_ndb_struct_na_base_pair.i_symmetry 
_ndb_struct_na_base_pair.j_label_asym_id 
_ndb_struct_na_base_pair.j_label_comp_id 
_ndb_struct_na_base_pair.j_label_seq_id 
_ndb_struct_na_base_pair.j_symmetry 
_ndb_struct_na_base_pair.shear 
_ndb_struct_na_base_pair.stretch 
_ndb_struct_na_base_pair.stagger 
_ndb_struct_na_base_pair.buckle 
_ndb_struct_na_base_pair.propeller 
_ndb_struct_na_base_pair.opening 
_ndb_struct_na_base_pair.pair_number 
_ndb_struct_na_base_pair.pair_name 
_ndb_struct_na_base_pair.i_auth_asym_id 
_ndb_struct_na_base_pair.i_auth_seq_id 
_ndb_struct_na_base_pair.i_PDB_ins_code 
_ndb_struct_na_base_pair.j_auth_asym_id 
_ndb_struct_na_base_pair.j_auth_seq_id 
_ndb_struct_na_base_pair.j_PDB_ins_code 
_ndb_struct_na_base_pair.hbond_type_28 
_ndb_struct_na_base_pair.hbond_type_12 
1 A DG 2 1_555 B DC 5 1_555 -0.224 -0.170 0.236  -7.661 -0.526  -1.920 1 D_DG2:DC11_E D 2 ? E 11 ? 19 1 
1 A DC 3 1_555 B DG 4 1_555 0.244  -0.126 0.171  -2.340 2.010   0.323  2 D_DC3:DG10_E D 3 ? E 10 ? 19 1 
1 A DA 5 1_555 B DT 2 1_555 -0.016 -0.111 -0.016 1.968  -18.305 4.512  3 D_DA5:DT8_E  D 5 ? E 8  ? 20 1 
1 A DA 6 1_555 B DT 1 1_555 -0.015 -0.102 0.038  -0.090 -18.633 5.064  4 D_DA6:DT7_E  D 6 ? E 7  ? 20 1 
# 
loop_
_ndb_struct_na_base_pair_step.model_number 
_ndb_struct_na_base_pair_step.i_label_asym_id_1 
_ndb_struct_na_base_pair_step.i_label_comp_id_1 
_ndb_struct_na_base_pair_step.i_label_seq_id_1 
_ndb_struct_na_base_pair_step.i_symmetry_1 
_ndb_struct_na_base_pair_step.j_label_asym_id_1 
_ndb_struct_na_base_pair_step.j_label_comp_id_1 
_ndb_struct_na_base_pair_step.j_label_seq_id_1 
_ndb_struct_na_base_pair_step.j_symmetry_1 
_ndb_struct_na_base_pair_step.i_label_asym_id_2 
_ndb_struct_na_base_pair_step.i_label_comp_id_2 
_ndb_struct_na_base_pair_step.i_label_seq_id_2 
_ndb_struct_na_base_pair_step.i_symmetry_2 
_ndb_struct_na_base_pair_step.j_label_asym_id_2 
_ndb_struct_na_base_pair_step.j_label_comp_id_2 
_ndb_struct_na_base_pair_step.j_label_seq_id_2 
_ndb_struct_na_base_pair_step.j_symmetry_2 
_ndb_struct_na_base_pair_step.shift 
_ndb_struct_na_base_pair_step.slide 
_ndb_struct_na_base_pair_step.rise 
_ndb_struct_na_base_pair_step.tilt 
_ndb_struct_na_base_pair_step.roll 
_ndb_struct_na_base_pair_step.twist 
_ndb_struct_na_base_pair_step.x_displacement 
_ndb_struct_na_base_pair_step.y_displacement 
_ndb_struct_na_base_pair_step.helical_rise 
_ndb_struct_na_base_pair_step.inclination 
_ndb_struct_na_base_pair_step.tip 
_ndb_struct_na_base_pair_step.helical_twist 
_ndb_struct_na_base_pair_step.step_number 
_ndb_struct_na_base_pair_step.step_name 
_ndb_struct_na_base_pair_step.i_auth_asym_id_1 
_ndb_struct_na_base_pair_step.i_auth_seq_id_1 
_ndb_struct_na_base_pair_step.i_PDB_ins_code_1 
_ndb_struct_na_base_pair_step.j_auth_asym_id_1 
_ndb_struct_na_base_pair_step.j_auth_seq_id_1 
_ndb_struct_na_base_pair_step.j_PDB_ins_code_1 
_ndb_struct_na_base_pair_step.i_auth_asym_id_2 
_ndb_struct_na_base_pair_step.i_auth_seq_id_2 
_ndb_struct_na_base_pair_step.i_PDB_ins_code_2 
_ndb_struct_na_base_pair_step.j_auth_asym_id_2 
_ndb_struct_na_base_pair_step.j_auth_seq_id_2 
_ndb_struct_na_base_pair_step.j_PDB_ins_code_2 
1 A DG 2 1_555 B DC 5 1_555 A DC 3 1_555 B DG 4 1_555 0.884 0.350  3.369 1.106  -6.277 36.906 1.392  -1.228 3.292 -9.826 -1.731 
37.433 1 DD_DG2DC3:DG10DC11_EE D 2 ? E 11 ? D 3 ? E 10 ? 
1 A DC 3 1_555 B DG 4 1_555 A DA 5 1_555 B DT 2 1_555 0.015 0.095  6.364 3.831  4.987  67.323 -0.287 0.272  6.349 4.489  -3.448 
67.582 2 DD_DC3DA5:DT8DG10_EE  D 3 ? E 10 ? D 5 ? E 8  ? 
1 A DA 5 1_555 B DT 2 1_555 A DA 6 1_555 B DT 1 1_555 0.074 -0.287 3.271 -0.429 -2.420 35.496 -0.117 -0.184 3.282 -3.964 0.702  
35.578 3 DD_DA5DA6:DT7DT8_EE   D 5 ? E 8  ? D 6 ? E 7  ? 
# 
_pdbx_entity_nonpoly.entity_id   3 
_pdbx_entity_nonpoly.name        water 
_pdbx_entity_nonpoly.comp_id     HOH 
# 
_pdbx_initial_refinement_model.id               1 
_pdbx_initial_refinement_model.entity_id_list   ? 
_pdbx_initial_refinement_model.type             'experimental model' 
_pdbx_initial_refinement_model.source_name      PDB 
_pdbx_initial_refinement_model.accession_code   1DNH 
_pdbx_initial_refinement_model.details          ? 
# 
